data_1N0U
#
_entry.id   1N0U
#
_cell.length_a   119.960
_cell.length_b   150.830
_cell.length_c   65.070
_cell.angle_alpha   90.00
_cell.angle_beta   90.00
_cell.angle_gamma   90.00
#
_symmetry.space_group_name_H-M   'P 21 21 2'
#
loop_
_entity.id
_entity.type
_entity.pdbx_description
1 polymer 'Elongation factor 2'
2 non-polymer '[1R-(1.ALPHA.,3A.BETA.,4.BETA.,4A.BETA.,7.BETA.,7A.ALPHA.,8A.BETA.)]8A-[(6-DEOXY-4-O-METHYL-BETA-D-ALTROPYRANOSYLOXY)METHYL]-4-FORMYL-4,4A,5,6,7,7A,8,8A-OCTAHYDRO-7-METHYL-3-(1-METHYLETHYL)-1,4-METHANO-S-INDACENE-3A(1H)-CARBOXYLIC ACID'
3 water water
#
_entity_poly.entity_id   1
_entity_poly.type   'polypeptide(L)'
_entity_poly.pdbx_seq_one_letter_code
;MVAFTVDQMRSLMDKVTNVRNMSVIAHVDHGKSTLTDSLVQRAGIISAAKAGEARFTDTRKDEQERGITIKSTAISLYSE
MSDEDVKEIKQKTDGNSFLINLIDSPGHVDFSSEVTAALRVTDGALVVVDTIEGVCVQTETVLRQALGERIKPVVVINKV
DRALLELQVSKEDLYQTFARTVESVNVIVSTYADEVLGDVQVYPARGTVAFGSGLHGWAFTIRQFATRYAKKFGVDKAKM
MDRLWGDSFFNPKTKKWTNKDTDAEGKPLERAFNMFILDPIFRLFTAIMNFKKDEIPVLLEKLEIVLKGDEKDLEGKALL
KVVMRKFLPAADALLEMIVLHLPSPVTAQAYRAEQLYEGPADDANCIAIKNCDPKADLMLYVSKMVPTSDKGRFYAFGRV
FAGTVKSGQKVRIQGPNYVPGKKDDLFIKAIQRVVLMMGRFVEPIDDCPAGNIIGLVGIDQFLLKTGTLTTSETAHNMKV
MKFSVSPVVQVAVEVKNANDLPKLVEGLKRLSKSDPCVLTYMSESGEHIVAGTGELHLEICLQDLEHDHAGVPLKISPPV
VAYRETVESESSQTALSKSPNKHNRIYLKAEPIDEEVSLAIENGIINPRDDFKARARIMADDYGWDVTDARKIWCFGPDG
NGPNLVIDQTKAVQYLHEIKDSVVAAFQWATKEGPIFGEEMRSVRVNILDVTLHADAIHRGGGQIIPTMRRATYAGFLLA
DPKIQEPVFLVEIQCPEQAVGGIYSVLNKKRGQVVSEEQRPGTPLFTVKAYLPVNESFGFTGELRQATGGQAFPQMVFDH
WSTLGSDPLDPTSKAGEIVLAARKRHGMKEEVPGWQEYYDKL
;
_entity_poly.pdbx_strand_id   A
#
# COMPACT_ATOMS: atom_id res chain seq x y z
N ALA A 3 2.85 39.74 7.43
CA ALA A 3 2.94 40.68 6.26
C ALA A 3 4.38 41.07 5.94
N PHE A 4 5.00 40.37 5.00
CA PHE A 4 6.38 40.67 4.63
C PHE A 4 6.56 41.03 3.18
N THR A 5 7.58 41.86 2.92
CA THR A 5 7.91 42.27 1.57
C THR A 5 8.75 41.14 0.99
N VAL A 6 8.92 41.12 -0.32
CA VAL A 6 9.72 40.09 -0.97
C VAL A 6 11.14 40.15 -0.44
N ASP A 7 11.64 41.36 -0.18
CA ASP A 7 12.99 41.52 0.35
C ASP A 7 13.10 40.87 1.73
N GLN A 8 12.06 41.04 2.54
CA GLN A 8 12.05 40.47 3.87
C GLN A 8 12.04 38.95 3.75
N MET A 9 11.25 38.44 2.82
CA MET A 9 11.17 37.00 2.60
C MET A 9 12.54 36.48 2.16
N ARG A 10 13.11 37.12 1.14
CA ARG A 10 14.42 36.74 0.60
C ARG A 10 15.46 36.75 1.72
N SER A 11 15.37 37.71 2.62
CA SER A 11 16.30 37.82 3.73
C SER A 11 16.14 36.62 4.67
N LEU A 12 14.89 36.24 4.94
CA LEU A 12 14.60 35.10 5.79
C LEU A 12 15.14 33.85 5.13
N MET A 13 14.98 33.77 3.80
CA MET A 13 15.45 32.61 3.03
C MET A 13 16.96 32.46 2.98
N ASP A 14 17.71 33.52 3.29
CA ASP A 14 19.16 33.43 3.29
C ASP A 14 19.71 32.65 4.48
N LYS A 15 19.02 32.74 5.61
CA LYS A 15 19.46 32.05 6.81
C LYS A 15 18.80 30.69 6.92
N VAL A 16 19.26 29.77 6.08
CA VAL A 16 18.72 28.43 6.04
C VAL A 16 18.91 27.65 7.32
N THR A 17 19.79 28.13 8.19
CA THR A 17 19.98 27.47 9.48
C THR A 17 18.69 27.72 10.27
N ASN A 18 17.99 28.80 9.93
CA ASN A 18 16.76 29.18 10.63
C ASN A 18 15.50 28.90 9.84
N VAL A 19 15.57 27.88 9.00
CA VAL A 19 14.43 27.47 8.20
C VAL A 19 14.01 26.10 8.70
N ARG A 20 12.71 25.82 8.56
CA ARG A 20 12.16 24.55 8.98
C ARG A 20 11.19 24.07 7.90
N ASN A 21 11.60 23.05 7.15
CA ASN A 21 10.75 22.48 6.12
C ASN A 21 10.04 21.30 6.78
N MET A 22 8.72 21.36 6.85
CA MET A 22 7.96 20.29 7.46
C MET A 22 6.53 20.17 6.94
N SER A 23 5.79 19.22 7.49
CA SER A 23 4.42 18.98 7.09
C SER A 23 3.71 18.43 8.33
N VAL A 24 2.40 18.28 8.23
CA VAL A 24 1.59 17.73 9.32
C VAL A 24 1.12 16.37 8.85
N ILE A 25 1.45 15.34 9.62
CA ILE A 25 1.04 13.97 9.31
C ILE A 25 -0.16 13.72 10.21
N ALA A 26 -1.36 13.71 9.64
CA ALA A 26 -2.54 13.51 10.45
C ALA A 26 -3.76 13.14 9.62
N HIS A 27 -4.62 12.32 10.21
CA HIS A 27 -5.84 11.94 9.52
C HIS A 27 -6.78 13.14 9.62
N VAL A 28 -7.45 13.48 8.52
CA VAL A 28 -8.36 14.63 8.51
C VAL A 28 -9.30 14.68 9.70
N ASP A 29 -9.70 13.50 10.19
CA ASP A 29 -10.62 13.43 11.32
C ASP A 29 -9.95 13.59 12.69
N HIS A 30 -8.64 13.77 12.70
CA HIS A 30 -7.93 13.95 13.96
C HIS A 30 -7.55 15.41 14.20
N GLY A 31 -8.23 16.30 13.49
CA GLY A 31 -7.98 17.72 13.66
C GLY A 31 -6.84 18.32 12.85
N LYS A 32 -6.48 17.67 11.75
CA LYS A 32 -5.39 18.16 10.91
C LYS A 32 -5.63 19.60 10.49
N SER A 33 -6.77 19.84 9.85
CA SER A 33 -7.15 21.17 9.38
C SER A 33 -7.16 22.23 10.49
N THR A 34 -7.78 21.90 11.62
CA THR A 34 -7.88 22.85 12.72
C THR A 34 -6.51 23.21 13.27
N LEU A 35 -5.63 22.23 13.41
CA LEU A 35 -4.29 22.49 13.91
C LEU A 35 -3.49 23.37 12.95
N THR A 36 -3.57 23.07 11.65
CA THR A 36 -2.85 23.87 10.67
C THR A 36 -3.42 25.28 10.65
N ASP A 37 -4.74 25.40 10.73
CA ASP A 37 -5.37 26.73 10.75
C ASP A 37 -4.85 27.51 11.95
N SER A 38 -4.66 26.82 13.06
CA SER A 38 -4.16 27.46 14.27
C SER A 38 -2.75 28.01 14.03
N LEU A 39 -1.92 27.23 13.34
CA LEU A 39 -0.56 27.68 13.04
C LEU A 39 -0.61 28.90 12.12
N VAL A 40 -1.45 28.81 11.11
CA VAL A 40 -1.58 29.90 10.15
C VAL A 40 -2.08 31.18 10.79
N GLN A 41 -3.12 31.09 11.61
CA GLN A 41 -3.68 32.28 12.27
C GLN A 41 -2.67 32.96 13.17
N ARG A 42 -1.84 32.16 13.83
CA ARG A 42 -0.84 32.70 14.74
C ARG A 42 0.43 33.21 14.07
N ALA A 43 0.90 32.50 13.05
CA ALA A 43 2.17 32.90 12.44
C ALA A 43 2.25 32.92 10.93
N GLY A 44 1.11 32.80 10.26
CA GLY A 44 1.09 32.81 8.81
C GLY A 44 1.70 34.07 8.24
N ILE A 45 2.38 33.93 7.10
CA ILE A 45 3.00 35.06 6.41
C ILE A 45 2.20 35.41 5.16
N ILE A 46 2.01 36.70 4.95
CA ILE A 46 1.30 37.20 3.80
C ILE A 46 2.16 38.29 3.18
N SER A 47 2.03 38.51 1.87
CA SER A 47 2.81 39.52 1.17
C SER A 47 2.45 40.92 1.63
N ALA A 48 3.43 41.82 1.61
CA ALA A 48 3.23 43.21 2.04
C ALA A 48 2.22 43.91 1.14
N GLY A 67 -2.71 38.41 -11.00
CA GLY A 67 -4.07 38.08 -10.65
C GLY A 67 -4.33 36.59 -10.73
N ILE A 68 -3.25 35.83 -10.64
CA ILE A 68 -3.32 34.37 -10.70
C ILE A 68 -3.50 33.76 -9.33
N THR A 69 -4.10 32.57 -9.31
CA THR A 69 -4.33 31.82 -8.09
C THR A 69 -3.92 30.37 -8.38
N ILE A 70 -3.53 29.65 -7.34
CA ILE A 70 -3.10 28.27 -7.51
C ILE A 70 -3.75 27.45 -6.41
N LYS A 71 -3.57 26.14 -6.46
CA LYS A 71 -4.09 25.31 -5.39
C LYS A 71 -3.05 25.49 -4.26
N SER A 72 -3.53 25.81 -3.06
CA SER A 72 -2.65 26.01 -1.91
C SER A 72 -1.79 24.76 -1.78
N THR A 73 -0.47 24.93 -1.86
CA THR A 73 0.46 23.81 -1.80
C THR A 73 1.40 23.88 -0.58
N ALA A 74 1.69 25.08 -0.13
CA ALA A 74 2.54 25.27 1.04
C ALA A 74 2.24 26.64 1.61
N ILE A 75 2.43 26.79 2.91
CA ILE A 75 2.20 28.04 3.59
C ILE A 75 3.47 28.38 4.36
N SER A 76 3.77 29.66 4.46
CA SER A 76 4.97 30.12 5.16
C SER A 76 4.59 30.72 6.50
N LEU A 77 5.31 30.30 7.54
CA LEU A 77 5.10 30.77 8.90
C LEU A 77 6.32 31.52 9.39
N TYR A 78 6.09 32.47 10.30
CA TYR A 78 7.18 33.26 10.87
C TYR A 78 7.07 33.15 12.38
N SER A 79 8.18 32.80 13.03
CA SER A 79 8.21 32.66 14.47
C SER A 79 9.49 33.21 15.08
N GLU A 80 9.38 33.87 16.22
CA GLU A 80 10.55 34.41 16.92
C GLU A 80 10.65 33.77 18.30
N MET A 81 11.84 33.33 18.67
CA MET A 81 12.08 32.70 19.97
C MET A 81 12.98 33.62 20.80
N SER A 82 12.93 33.46 22.12
CA SER A 82 13.75 34.29 23.00
C SER A 82 15.19 33.86 22.88
N ASP A 83 16.11 34.73 23.31
CA ASP A 83 17.53 34.44 23.24
C ASP A 83 17.88 33.20 24.05
N GLU A 84 17.16 32.94 25.14
CA GLU A 84 17.47 31.77 25.95
C GLU A 84 16.96 30.50 25.25
N ASP A 85 15.76 30.58 24.69
CA ASP A 85 15.19 29.45 23.97
C ASP A 85 16.13 29.03 22.86
N VAL A 86 16.51 29.99 22.03
CA VAL A 86 17.41 29.74 20.92
C VAL A 86 18.67 29.01 21.35
N LYS A 87 19.13 29.27 22.57
CA LYS A 87 20.33 28.62 23.07
C LYS A 87 20.12 27.12 23.27
N GLU A 88 18.87 26.73 23.45
CA GLU A 88 18.55 25.32 23.64
C GLU A 88 18.60 24.50 22.35
N ILE A 89 18.52 25.18 21.21
CA ILE A 89 18.55 24.49 19.93
C ILE A 89 19.91 23.82 19.72
N LYS A 90 19.90 22.49 19.65
CA LYS A 90 21.11 21.70 19.46
C LYS A 90 21.34 21.64 17.96
N GLN A 91 21.43 22.81 17.35
CA GLN A 91 21.59 22.90 15.92
C GLN A 91 22.09 24.29 15.57
N LYS A 92 22.87 24.39 14.50
CA LYS A 92 23.40 25.67 14.07
C LYS A 92 22.28 26.68 13.93
N THR A 93 22.42 27.81 14.62
CA THR A 93 21.41 28.86 14.58
C THR A 93 22.01 30.24 14.36
N ASP A 94 21.23 31.11 13.72
CA ASP A 94 21.68 32.47 13.43
C ASP A 94 20.53 33.46 13.61
N GLY A 95 20.41 34.01 14.81
CA GLY A 95 19.34 34.95 15.08
C GLY A 95 18.18 34.22 15.75
N ASN A 96 17.15 34.98 16.13
CA ASN A 96 16.00 34.43 16.80
C ASN A 96 14.76 34.30 15.92
N SER A 97 14.90 34.60 14.63
CA SER A 97 13.79 34.52 13.68
C SER A 97 13.83 33.21 12.91
N PHE A 98 12.65 32.68 12.61
CA PHE A 98 12.55 31.43 11.89
C PHE A 98 11.47 31.44 10.81
N LEU A 99 11.81 30.84 9.68
CA LEU A 99 10.90 30.72 8.55
C LEU A 99 10.50 29.27 8.54
N ILE A 100 9.21 29.01 8.60
CA ILE A 100 8.74 27.64 8.62
C ILE A 100 7.90 27.37 7.39
N ASN A 101 8.30 26.40 6.59
CA ASN A 101 7.52 26.03 5.42
C ASN A 101 6.61 24.88 5.82
N LEU A 102 5.30 25.13 5.82
CA LEU A 102 4.32 24.12 6.17
C LEU A 102 3.83 23.58 4.83
N ILE A 103 4.35 22.42 4.44
CA ILE A 103 4.00 21.82 3.18
C ILE A 103 2.74 20.97 3.24
N ASP A 104 1.82 21.27 2.34
CA ASP A 104 0.55 20.54 2.29
C ASP A 104 0.81 19.09 1.93
N SER A 105 0.04 18.19 2.53
CA SER A 105 0.18 16.76 2.30
C SER A 105 -1.17 16.10 2.09
N PRO A 106 -1.25 15.13 1.18
CA PRO A 106 -2.51 14.43 0.91
C PRO A 106 -3.02 13.73 2.18
N GLY A 107 -2.61 12.47 2.34
CA GLY A 107 -3.02 11.68 3.48
C GLY A 107 -3.46 10.29 3.04
N HIS A 108 -4.19 10.24 1.93
CA HIS A 108 -4.68 8.98 1.36
C HIS A 108 -3.54 7.97 1.34
N VAL A 109 -3.37 7.22 2.41
CA VAL A 109 -2.28 6.26 2.39
C VAL A 109 -2.53 4.79 2.60
N ASP A 110 -1.71 4.05 1.89
CA ASP A 110 -1.65 2.60 1.87
C ASP A 110 -0.24 2.50 1.29
N PHE A 111 0.49 3.61 1.45
CA PHE A 111 1.85 3.81 0.99
C PHE A 111 1.91 4.27 -0.45
N SER A 112 1.21 5.36 -0.75
CA SER A 112 1.19 5.90 -2.10
C SER A 112 2.46 6.71 -2.37
N SER A 113 2.88 6.73 -3.64
CA SER A 113 4.09 7.46 -4.02
C SER A 113 3.90 8.97 -3.98
N GLU A 114 2.66 9.43 -4.13
CA GLU A 114 2.40 10.86 -4.12
C GLU A 114 2.82 11.40 -2.74
N VAL A 115 2.29 10.78 -1.70
CA VAL A 115 2.62 11.17 -0.34
C VAL A 115 4.13 11.24 -0.16
N THR A 116 4.84 10.23 -0.66
CA THR A 116 6.29 10.18 -0.54
C THR A 116 6.96 11.35 -1.25
N ALA A 117 6.24 11.93 -2.22
CA ALA A 117 6.78 13.05 -2.99
C ALA A 117 6.77 14.30 -2.14
N ALA A 118 5.67 14.51 -1.42
CA ALA A 118 5.52 15.68 -0.56
C ALA A 118 6.44 15.55 0.65
N LEU A 119 6.59 14.32 1.14
CA LEU A 119 7.45 14.08 2.29
C LEU A 119 8.90 14.38 1.92
N ARG A 120 9.26 14.01 0.70
CA ARG A 120 10.62 14.20 0.21
C ARG A 120 11.17 15.63 0.31
N VAL A 121 10.31 16.63 0.18
CA VAL A 121 10.78 18.00 0.29
C VAL A 121 10.75 18.51 1.74
N THR A 122 10.40 17.63 2.67
CA THR A 122 10.36 18.03 4.08
C THR A 122 11.46 17.33 4.87
N ASP A 123 11.86 17.94 5.98
CA ASP A 123 12.87 17.36 6.85
C ASP A 123 12.28 17.02 8.22
N GLY A 124 11.11 17.56 8.53
CA GLY A 124 10.51 17.27 9.82
C GLY A 124 9.03 17.10 9.70
N ALA A 125 8.40 16.51 10.70
CA ALA A 125 6.96 16.32 10.64
C ALA A 125 6.31 16.46 11.99
N LEU A 126 5.15 17.09 11.98
CA LEU A 126 4.34 17.25 13.18
C LEU A 126 3.32 16.13 13.07
N VAL A 127 3.45 15.12 13.90
CA VAL A 127 2.52 14.00 13.84
C VAL A 127 1.37 14.15 14.84
N VAL A 128 0.15 14.12 14.32
CA VAL A 128 -1.03 14.28 15.17
C VAL A 128 -1.62 12.93 15.50
N VAL A 129 -1.82 12.69 16.79
CA VAL A 129 -2.40 11.43 17.25
C VAL A 129 -3.60 11.79 18.11
N ASP A 130 -4.58 10.90 18.16
CA ASP A 130 -5.81 11.15 18.93
C ASP A 130 -5.75 10.62 20.35
N THR A 131 -6.24 11.41 21.30
CA THR A 131 -6.23 10.98 22.71
C THR A 131 -6.93 9.63 22.88
N ILE A 132 -8.13 9.50 22.33
CA ILE A 132 -8.88 8.26 22.46
C ILE A 132 -8.49 7.15 21.47
N GLU A 133 -8.46 7.46 20.18
CA GLU A 133 -8.14 6.45 19.18
C GLU A 133 -6.65 6.10 19.07
N GLY A 134 -5.77 6.99 19.53
CA GLY A 134 -4.36 6.71 19.45
C GLY A 134 -3.78 6.87 18.05
N VAL A 135 -2.94 5.92 17.64
CA VAL A 135 -2.34 5.98 16.30
C VAL A 135 -3.12 5.14 15.30
N CYS A 136 -3.78 5.80 14.35
CA CYS A 136 -4.54 5.06 13.34
C CYS A 136 -3.62 4.51 12.25
N VAL A 137 -4.12 3.50 11.54
CA VAL A 137 -3.36 2.84 10.48
C VAL A 137 -2.80 3.81 9.43
N GLN A 138 -3.62 4.76 9.01
CA GLN A 138 -3.20 5.75 8.03
C GLN A 138 -1.99 6.54 8.51
N THR A 139 -2.10 7.05 9.73
CA THR A 139 -1.02 7.83 10.33
C THR A 139 0.23 6.98 10.46
N GLU A 140 0.06 5.72 10.85
CA GLU A 140 1.21 4.81 10.99
C GLU A 140 1.87 4.64 9.62
N THR A 141 1.05 4.45 8.61
CA THR A 141 1.54 4.29 7.25
C THR A 141 2.35 5.51 6.77
N VAL A 142 1.82 6.71 6.98
CA VAL A 142 2.51 7.93 6.56
C VAL A 142 3.76 8.16 7.39
N LEU A 143 3.66 7.90 8.70
CA LEU A 143 4.83 8.08 9.56
C LEU A 143 5.98 7.17 9.09
N ARG A 144 5.62 5.93 8.74
CA ARG A 144 6.60 4.95 8.26
C ARG A 144 7.27 5.48 6.99
N GLN A 145 6.47 6.04 6.07
CA GLN A 145 7.07 6.58 4.85
C GLN A 145 7.95 7.77 5.21
N ALA A 146 7.49 8.59 6.15
CA ALA A 146 8.27 9.76 6.58
C ALA A 146 9.62 9.30 7.15
N LEU A 147 9.58 8.31 8.04
CA LEU A 147 10.81 7.77 8.60
C LEU A 147 11.71 7.23 7.48
N GLY A 148 11.11 6.64 6.45
CA GLY A 148 11.88 6.13 5.34
C GLY A 148 12.59 7.26 4.61
N GLU A 149 12.12 8.49 4.83
CA GLU A 149 12.75 9.62 4.20
C GLU A 149 13.70 10.28 5.19
N ARG A 150 13.91 9.65 6.33
CA ARG A 150 14.77 10.19 7.39
C ARG A 150 14.26 11.53 7.94
N ILE A 151 12.94 11.67 7.96
CA ILE A 151 12.29 12.85 8.49
C ILE A 151 12.15 12.66 10.00
N LYS A 152 12.45 13.70 10.76
CA LYS A 152 12.33 13.63 12.21
C LYS A 152 10.92 14.02 12.64
N PRO A 153 10.30 13.21 13.52
CA PRO A 153 8.95 13.48 14.00
C PRO A 153 8.88 14.16 15.38
N VAL A 154 7.78 14.87 15.57
CA VAL A 154 7.44 15.54 16.81
C VAL A 154 5.93 15.24 16.88
N VAL A 155 5.42 15.01 18.07
CA VAL A 155 4.03 14.60 18.22
C VAL A 155 3.15 15.53 19.01
N VAL A 156 1.88 15.57 18.61
CA VAL A 156 0.84 16.31 19.32
C VAL A 156 -0.32 15.33 19.55
N ILE A 157 -0.70 15.15 20.80
CA ILE A 157 -1.84 14.28 21.13
C ILE A 157 -3.01 15.25 21.20
N ASN A 158 -3.87 15.16 20.18
CA ASN A 158 -5.01 16.06 20.01
C ASN A 158 -6.32 15.50 20.56
N LYS A 159 -7.33 16.38 20.61
CA LYS A 159 -8.65 16.02 21.10
C LYS A 159 -8.69 15.64 22.57
N VAL A 160 -7.90 16.30 23.39
CA VAL A 160 -7.92 16.00 24.83
C VAL A 160 -9.30 16.35 25.39
N ASP A 161 -9.92 17.40 24.83
CA ASP A 161 -11.22 17.86 25.27
C ASP A 161 -12.25 16.72 25.31
N ARG A 162 -12.14 15.79 24.37
CA ARG A 162 -13.05 14.66 24.31
C ARG A 162 -12.96 13.80 25.57
N ALA A 163 -11.74 13.54 26.05
CA ALA A 163 -11.56 12.73 27.25
C ALA A 163 -12.12 13.42 28.49
N LEU A 164 -11.96 14.73 28.55
CA LEU A 164 -12.45 15.51 29.69
C LEU A 164 -13.96 15.63 29.70
N LEU A 165 -14.54 15.99 28.56
CA LEU A 165 -15.99 16.15 28.44
C LEU A 165 -16.78 14.86 28.29
N GLU A 166 -16.57 14.18 27.18
CA GLU A 166 -17.27 12.92 26.92
C GLU A 166 -17.06 11.87 28.00
N LEU A 167 -15.85 11.31 28.04
CA LEU A 167 -15.50 10.26 28.99
C LEU A 167 -15.31 10.64 30.45
N GLN A 168 -15.21 11.94 30.74
CA GLN A 168 -15.02 12.37 32.12
C GLN A 168 -13.89 11.55 32.76
N VAL A 169 -12.82 11.36 32.01
CA VAL A 169 -11.67 10.59 32.48
C VAL A 169 -10.98 11.23 33.68
N SER A 170 -10.30 10.40 34.47
CA SER A 170 -9.55 10.88 35.65
C SER A 170 -8.18 11.33 35.18
N LYS A 171 -7.49 12.08 36.03
CA LYS A 171 -6.17 12.57 35.67
C LYS A 171 -5.20 11.43 35.38
N GLU A 172 -5.19 10.39 36.22
CA GLU A 172 -4.27 9.26 36.03
C GLU A 172 -4.61 8.44 34.79
N ASP A 173 -5.89 8.25 34.48
CA ASP A 173 -6.25 7.48 33.30
C ASP A 173 -5.80 8.26 32.05
N LEU A 174 -5.95 9.58 32.09
CA LEU A 174 -5.55 10.40 30.95
C LEU A 174 -4.05 10.29 30.81
N TYR A 175 -3.34 10.42 31.92
CA TYR A 175 -1.89 10.28 31.88
C TYR A 175 -1.53 8.94 31.26
N GLN A 176 -2.13 7.85 31.77
CA GLN A 176 -1.86 6.52 31.24
C GLN A 176 -2.18 6.45 29.75
N THR A 177 -3.27 7.07 29.34
CA THR A 177 -3.62 7.03 27.93
C THR A 177 -2.49 7.72 27.14
N PHE A 178 -2.05 8.87 27.61
CA PHE A 178 -0.96 9.60 26.94
C PHE A 178 0.27 8.73 26.83
N ALA A 179 0.64 8.10 27.94
CA ALA A 179 1.82 7.24 27.98
C ALA A 179 1.71 6.08 27.00
N ARG A 180 0.54 5.47 26.90
CA ARG A 180 0.38 4.35 25.98
C ARG A 180 0.54 4.85 24.54
N THR A 181 -0.07 6.00 24.26
CA THR A 181 -0.01 6.58 22.94
C THR A 181 1.41 6.91 22.54
N VAL A 182 2.18 7.45 23.49
CA VAL A 182 3.57 7.81 23.22
C VAL A 182 4.36 6.54 22.92
N GLU A 183 4.03 5.46 23.64
CA GLU A 183 4.71 4.19 23.43
C GLU A 183 4.40 3.62 22.05
N SER A 184 3.14 3.67 21.63
CA SER A 184 2.74 3.14 20.33
C SER A 184 3.49 3.90 19.22
N VAL A 185 3.65 5.20 19.40
CA VAL A 185 4.37 5.99 18.41
C VAL A 185 5.84 5.59 18.36
N ASN A 186 6.44 5.38 19.53
CA ASN A 186 7.85 5.02 19.56
C ASN A 186 8.15 3.59 19.10
N VAL A 187 7.12 2.75 19.09
CA VAL A 187 7.29 1.39 18.61
C VAL A 187 7.55 1.52 17.10
N ILE A 188 6.71 2.31 16.45
CA ILE A 188 6.80 2.56 15.03
C ILE A 188 8.12 3.26 14.69
N VAL A 189 8.45 4.28 15.48
CA VAL A 189 9.69 5.03 15.24
C VAL A 189 10.93 4.17 15.42
N SER A 190 11.02 3.44 16.53
CA SER A 190 12.18 2.59 16.78
C SER A 190 12.30 1.47 15.75
N THR A 191 11.19 1.09 15.13
CA THR A 191 11.18 0.03 14.12
C THR A 191 11.65 0.49 12.73
N TYR A 192 11.23 1.69 12.32
CA TYR A 192 11.59 2.17 10.99
C TYR A 192 12.66 3.26 10.84
N ALA A 193 13.13 3.83 11.93
CA ALA A 193 14.14 4.87 11.86
C ALA A 193 15.53 4.30 11.63
N ASP A 194 16.33 5.00 10.83
CA ASP A 194 17.70 4.56 10.55
C ASP A 194 18.58 4.70 11.78
N GLU A 195 19.42 3.70 12.02
CA GLU A 195 20.32 3.71 13.17
C GLU A 195 21.26 4.91 13.16
N VAL A 196 21.82 5.20 11.99
CA VAL A 196 22.76 6.31 11.84
C VAL A 196 22.25 7.60 12.46
N LEU A 197 20.93 7.74 12.53
CA LEU A 197 20.31 8.95 13.07
C LEU A 197 20.32 9.03 14.59
N GLY A 198 20.55 7.89 15.25
CA GLY A 198 20.54 7.87 16.70
C GLY A 198 19.12 7.68 17.19
N ASP A 199 18.84 8.10 18.41
CA ASP A 199 17.50 7.95 18.97
C ASP A 199 16.56 9.04 18.44
N VAL A 200 15.58 8.64 17.63
CA VAL A 200 14.63 9.58 17.05
C VAL A 200 13.27 9.50 17.76
N GLN A 201 13.19 8.65 18.77
CA GLN A 201 11.96 8.51 19.53
C GLN A 201 11.53 9.84 20.17
N VAL A 202 10.25 9.96 20.46
CA VAL A 202 9.74 11.18 21.04
C VAL A 202 9.57 11.03 22.57
N TYR A 203 9.89 12.09 23.31
CA TYR A 203 9.84 12.10 24.78
C TYR A 203 9.17 13.35 25.35
N PRO A 204 8.05 13.18 26.07
CA PRO A 204 7.38 14.36 26.64
C PRO A 204 8.33 15.22 27.47
N ALA A 205 9.16 14.56 28.29
CA ALA A 205 10.10 15.24 29.16
C ALA A 205 11.17 16.00 28.38
N ARG A 206 11.33 15.72 27.09
CA ARG A 206 12.33 16.42 26.29
C ARG A 206 11.67 17.49 25.41
N GLY A 207 10.37 17.65 25.57
CA GLY A 207 9.66 18.67 24.82
C GLY A 207 9.25 18.31 23.40
N THR A 208 9.31 17.03 23.06
CA THR A 208 8.94 16.61 21.73
C THR A 208 7.54 15.99 21.60
N VAL A 209 6.72 16.16 22.64
CA VAL A 209 5.33 15.70 22.62
C VAL A 209 4.46 16.83 23.18
N ALA A 210 3.40 17.19 22.45
CA ALA A 210 2.49 18.23 22.91
C ALA A 210 1.15 17.57 23.19
N PHE A 211 0.32 18.26 23.96
CA PHE A 211 -0.98 17.76 24.33
C PHE A 211 -2.01 18.87 24.21
N GLY A 212 -3.14 18.62 23.56
CA GLY A 212 -4.13 19.67 23.45
C GLY A 212 -5.42 19.37 22.72
N SER A 213 -6.11 20.44 22.37
CA SER A 213 -7.38 20.34 21.66
C SER A 213 -7.43 21.36 20.53
N GLY A 214 -7.28 20.88 19.30
CA GLY A 214 -7.30 21.76 18.15
C GLY A 214 -8.52 22.66 18.04
N LEU A 215 -9.71 22.07 18.08
CA LEU A 215 -10.92 22.85 17.95
C LEU A 215 -11.04 23.90 19.07
N HIS A 216 -10.76 23.47 20.30
CA HIS A 216 -10.81 24.35 21.47
C HIS A 216 -9.82 25.50 21.28
N GLY A 217 -8.61 25.16 20.84
CA GLY A 217 -7.58 26.16 20.62
C GLY A 217 -6.50 26.24 21.69
N TRP A 218 -6.23 25.12 22.36
CA TRP A 218 -5.20 25.09 23.39
C TRP A 218 -4.34 23.83 23.28
N ALA A 219 -3.11 23.94 23.75
CA ALA A 219 -2.15 22.83 23.70
C ALA A 219 -0.93 23.24 24.50
N PHE A 220 -0.17 22.26 24.95
CA PHE A 220 1.01 22.55 25.73
C PHE A 220 2.09 21.49 25.59
N THR A 221 3.30 21.87 25.98
CA THR A 221 4.43 20.95 26.00
C THR A 221 4.83 20.97 27.46
N ILE A 222 5.61 19.97 27.88
CA ILE A 222 6.07 19.91 29.26
C ILE A 222 7.04 21.07 29.45
N ARG A 223 7.72 21.47 28.37
CA ARG A 223 8.68 22.57 28.47
C ARG A 223 7.99 23.87 28.87
N GLN A 224 6.81 24.12 28.34
CA GLN A 224 6.10 25.33 28.69
C GLN A 224 5.74 25.38 30.19
N PHE A 225 5.31 24.24 30.74
CA PHE A 225 4.97 24.23 32.16
C PHE A 225 6.23 24.28 33.02
N ALA A 226 7.30 23.67 32.52
CA ALA A 226 8.58 23.67 33.23
C ALA A 226 9.08 25.10 33.33
N THR A 227 8.86 25.86 32.26
CA THR A 227 9.25 27.27 32.21
C THR A 227 8.35 28.04 33.18
N ARG A 228 7.07 27.71 33.17
CA ARG A 228 6.08 28.35 34.03
C ARG A 228 6.28 28.07 35.53
N TYR A 229 6.90 26.94 35.88
CA TYR A 229 7.12 26.60 37.30
C TYR A 229 8.56 26.53 37.79
N ALA A 230 9.52 26.61 36.89
CA ALA A 230 10.92 26.53 37.31
C ALA A 230 11.25 27.55 38.39
N LYS A 231 10.87 28.79 38.16
CA LYS A 231 11.15 29.84 39.14
C LYS A 231 10.34 29.73 40.42
N LYS A 232 9.14 29.18 40.31
CA LYS A 232 8.28 29.02 41.48
C LYS A 232 8.81 27.96 42.44
N PHE A 233 9.44 26.94 41.89
CA PHE A 233 10.01 25.86 42.70
C PHE A 233 11.48 26.12 42.99
N GLY A 234 12.00 27.22 42.44
CA GLY A 234 13.39 27.53 42.66
C GLY A 234 14.34 26.50 42.09
N VAL A 235 14.03 25.98 40.91
CA VAL A 235 14.87 24.99 40.23
C VAL A 235 14.96 25.33 38.72
N ASP A 236 16.01 24.88 38.04
CA ASP A 236 16.14 25.15 36.61
C ASP A 236 15.14 24.30 35.84
N LYS A 237 14.57 24.86 34.78
CA LYS A 237 13.55 24.12 34.04
C LYS A 237 13.98 22.76 33.49
N ALA A 238 15.27 22.54 33.30
CA ALA A 238 15.74 21.25 32.80
C ALA A 238 15.31 20.21 33.83
N LYS A 239 15.51 20.53 35.10
CA LYS A 239 15.14 19.61 36.17
C LYS A 239 13.61 19.52 36.27
N MET A 240 12.95 20.66 36.09
CA MET A 240 11.51 20.67 36.16
C MET A 240 10.84 19.85 35.06
N MET A 241 11.33 19.96 33.81
CA MET A 241 10.65 19.18 32.79
C MET A 241 10.82 17.67 32.98
N ASP A 242 11.88 17.25 33.67
CA ASP A 242 12.04 15.82 33.92
C ASP A 242 11.07 15.42 35.04
N ARG A 243 10.78 16.35 35.94
CA ARG A 243 9.88 16.08 37.05
C ARG A 243 8.41 16.19 36.71
N LEU A 244 8.08 16.83 35.59
CA LEU A 244 6.68 17.01 35.22
C LEU A 244 6.12 15.90 34.35
N TRP A 245 6.89 14.84 34.21
CA TRP A 245 6.45 13.69 33.43
C TRP A 245 6.95 12.38 34.00
N GLY A 246 6.18 11.32 33.75
CA GLY A 246 6.58 10.00 34.22
C GLY A 246 6.47 9.82 35.72
N ASP A 247 7.29 8.93 36.26
CA ASP A 247 7.30 8.61 37.69
C ASP A 247 8.11 9.55 38.58
N SER A 248 7.62 10.78 38.70
CA SER A 248 8.22 11.80 39.56
C SER A 248 7.04 12.20 40.42
N PHE A 249 7.28 12.24 41.72
CA PHE A 249 6.23 12.57 42.66
C PHE A 249 6.73 13.60 43.67
N PHE A 250 5.94 14.66 43.83
CA PHE A 250 6.26 15.67 44.80
C PHE A 250 5.33 15.41 45.98
N ASN A 251 5.90 15.11 47.13
CA ASN A 251 5.07 14.86 48.32
C ASN A 251 4.95 16.16 49.10
N PRO A 252 3.76 16.78 49.12
CA PRO A 252 3.58 18.03 49.85
C PRO A 252 3.95 17.92 51.34
N LYS A 253 3.72 16.76 51.94
CA LYS A 253 4.02 16.56 53.36
C LYS A 253 5.51 16.60 53.67
N THR A 254 6.33 16.11 52.76
CA THR A 254 7.77 16.09 52.98
C THR A 254 8.49 17.18 52.20
N LYS A 255 7.78 17.77 51.24
CA LYS A 255 8.34 18.81 50.38
C LYS A 255 9.45 18.24 49.54
N LYS A 256 9.44 16.92 49.33
CA LYS A 256 10.46 16.30 48.50
C LYS A 256 9.98 15.57 47.24
N TRP A 257 10.88 15.49 46.26
CA TRP A 257 10.60 14.82 44.99
C TRP A 257 11.20 13.42 45.04
N THR A 258 10.41 12.43 44.63
CA THR A 258 10.89 11.06 44.64
C THR A 258 10.39 10.35 43.38
N ASN A 259 10.87 9.12 43.18
CA ASN A 259 10.45 8.32 42.04
C ASN A 259 9.53 7.20 42.52
N LYS A 260 9.19 7.22 43.81
CA LYS A 260 8.31 6.22 44.41
C LYS A 260 6.87 6.70 44.49
N ASP A 261 5.94 5.91 43.98
CA ASP A 261 4.52 6.29 44.01
C ASP A 261 3.81 6.14 45.35
N THR A 262 4.58 5.91 46.41
CA THR A 262 4.00 5.80 47.76
C THR A 262 4.96 6.48 48.72
N ASP A 263 4.45 6.94 49.86
CA ASP A 263 5.32 7.57 50.84
C ASP A 263 5.87 6.51 51.77
N ALA A 264 6.59 6.93 52.81
CA ALA A 264 7.18 6.01 53.78
C ALA A 264 6.14 5.11 54.42
N GLU A 265 4.96 5.67 54.67
CA GLU A 265 3.88 4.92 55.29
C GLU A 265 3.11 4.07 54.28
N GLY A 266 3.50 4.13 53.02
CA GLY A 266 2.83 3.34 51.98
C GLY A 266 1.60 3.96 51.35
N LYS A 267 1.28 5.20 51.71
CA LYS A 267 0.13 5.90 51.15
C LYS A 267 0.45 6.32 49.72
N PRO A 268 -0.56 6.30 48.82
CA PRO A 268 -0.45 6.66 47.39
C PRO A 268 -0.08 8.13 47.13
N LEU A 269 0.88 8.33 46.25
CA LEU A 269 1.32 9.69 45.90
C LEU A 269 0.92 10.03 44.47
N GLU A 270 0.47 11.25 44.26
CA GLU A 270 0.05 11.67 42.94
C GLU A 270 1.20 12.14 42.09
N ARG A 271 1.22 11.62 40.87
CA ARG A 271 2.22 11.93 39.85
C ARG A 271 2.31 13.45 39.67
N ALA A 272 3.51 13.99 39.47
CA ALA A 272 3.71 15.42 39.28
C ALA A 272 2.99 15.95 38.02
N PHE A 273 2.99 15.15 36.95
CA PHE A 273 2.29 15.54 35.72
C PHE A 273 0.82 15.82 36.06
N ASN A 274 0.23 14.92 36.85
CA ASN A 274 -1.18 15.04 37.26
C ASN A 274 -1.38 16.20 38.21
N MET A 275 -0.51 16.28 39.21
CA MET A 275 -0.62 17.31 40.23
C MET A 275 -0.44 18.75 39.76
N PHE A 276 0.55 18.97 38.90
CA PHE A 276 0.84 20.34 38.47
C PHE A 276 0.38 20.75 37.08
N ILE A 277 0.18 19.78 36.20
CA ILE A 277 -0.27 20.13 34.85
C ILE A 277 -1.75 19.79 34.64
N LEU A 278 -2.12 18.54 34.87
CA LEU A 278 -3.52 18.18 34.64
C LEU A 278 -4.52 18.79 35.61
N ASP A 279 -4.17 18.85 36.89
CA ASP A 279 -5.07 19.39 37.89
C ASP A 279 -5.58 20.79 37.58
N PRO A 280 -4.68 21.73 37.24
CA PRO A 280 -5.09 23.10 36.92
C PRO A 280 -6.10 23.14 35.77
N ILE A 281 -5.86 22.33 34.75
CA ILE A 281 -6.74 22.28 33.60
C ILE A 281 -8.08 21.64 33.97
N PHE A 282 -8.04 20.59 34.78
CA PHE A 282 -9.26 19.93 35.21
C PHE A 282 -10.15 20.87 36.00
N ARG A 283 -9.53 21.61 36.92
CA ARG A 283 -10.27 22.55 37.74
C ARG A 283 -10.87 23.71 36.94
N LEU A 284 -10.18 24.13 35.88
CA LEU A 284 -10.69 25.21 35.02
C LEU A 284 -11.94 24.70 34.33
N PHE A 285 -11.84 23.52 33.74
CA PHE A 285 -12.97 22.91 33.05
C PHE A 285 -14.14 22.75 33.99
N THR A 286 -13.89 22.10 35.13
CA THR A 286 -14.93 21.85 36.11
C THR A 286 -15.60 23.13 36.61
N ALA A 287 -14.80 24.11 37.03
CA ALA A 287 -15.31 25.38 37.55
C ALA A 287 -16.10 26.19 36.52
N ILE A 288 -15.58 26.25 35.30
CA ILE A 288 -16.25 27.01 34.27
C ILE A 288 -17.48 26.32 33.71
N MET A 289 -17.39 25.03 33.44
CA MET A 289 -18.54 24.32 32.88
C MET A 289 -19.67 24.15 33.90
N ASN A 290 -19.35 24.26 35.18
CA ASN A 290 -20.36 24.12 36.21
C ASN A 290 -20.82 25.46 36.73
N PHE A 291 -20.49 26.52 36.01
CA PHE A 291 -20.87 27.89 36.36
C PHE A 291 -20.60 28.26 37.81
N LYS A 292 -19.39 28.00 38.29
CA LYS A 292 -19.03 28.34 39.66
C LYS A 292 -18.53 29.78 39.71
N LYS A 293 -19.47 30.70 39.50
CA LYS A 293 -19.24 32.15 39.48
C LYS A 293 -18.24 32.72 40.49
N ASP A 294 -18.15 32.14 41.68
CA ASP A 294 -17.24 32.65 42.68
C ASP A 294 -15.84 32.03 42.64
N GLU A 295 -15.76 30.76 42.25
CA GLU A 295 -14.47 30.07 42.18
C GLU A 295 -13.63 30.51 40.97
N ILE A 296 -14.29 30.65 39.83
CA ILE A 296 -13.63 31.05 38.59
C ILE A 296 -12.65 32.21 38.73
N PRO A 297 -13.08 33.34 39.33
CA PRO A 297 -12.18 34.49 39.49
C PRO A 297 -10.88 34.16 40.22
N VAL A 298 -11.00 33.40 41.30
CA VAL A 298 -9.86 33.00 42.10
C VAL A 298 -8.91 32.17 41.25
N LEU A 299 -9.46 31.14 40.61
CA LEU A 299 -8.69 30.25 39.77
C LEU A 299 -7.95 31.04 38.69
N LEU A 300 -8.68 31.92 38.01
CA LEU A 300 -8.08 32.73 36.95
C LEU A 300 -6.96 33.59 37.49
N GLU A 301 -7.23 34.30 38.58
CA GLU A 301 -6.23 35.18 39.17
C GLU A 301 -4.99 34.40 39.60
N LYS A 302 -5.18 33.17 40.10
CA LYS A 302 -4.05 32.35 40.51
C LYS A 302 -3.20 31.90 39.34
N LEU A 303 -3.82 31.74 38.17
CA LEU A 303 -3.12 31.30 36.96
C LEU A 303 -2.73 32.49 36.09
N GLU A 304 -2.89 33.68 36.65
CA GLU A 304 -2.56 34.91 35.95
C GLU A 304 -3.26 35.00 34.60
N ILE A 305 -4.53 34.58 34.57
CA ILE A 305 -5.35 34.63 33.36
C ILE A 305 -6.22 35.87 33.49
N VAL A 306 -6.08 36.83 32.58
CA VAL A 306 -6.87 38.05 32.65
C VAL A 306 -7.88 38.20 31.52
N LEU A 307 -9.15 38.30 31.88
CA LEU A 307 -10.23 38.49 30.91
C LEU A 307 -10.41 39.98 30.72
N LYS A 308 -10.62 40.42 29.49
CA LYS A 308 -10.80 41.85 29.24
C LYS A 308 -12.06 42.18 28.45
N GLY A 309 -12.67 43.30 28.81
CA GLY A 309 -13.88 43.74 28.12
C GLY A 309 -15.07 42.83 28.33
N ASP A 310 -15.72 42.49 27.22
CA ASP A 310 -16.90 41.64 27.23
C ASP A 310 -16.61 40.19 27.59
N GLU A 311 -15.34 39.81 27.62
CA GLU A 311 -14.97 38.45 27.97
C GLU A 311 -15.42 38.17 29.40
N LYS A 312 -15.43 39.21 30.21
CA LYS A 312 -15.82 39.09 31.61
C LYS A 312 -17.26 38.63 31.78
N ASP A 313 -18.06 38.77 30.73
CA ASP A 313 -19.47 38.37 30.81
C ASP A 313 -19.73 36.97 30.29
N LEU A 314 -18.75 36.37 29.64
CA LEU A 314 -18.88 35.01 29.10
C LEU A 314 -19.05 33.97 30.21
N GLU A 315 -19.67 32.84 29.85
CA GLU A 315 -19.89 31.74 30.80
C GLU A 315 -19.79 30.43 30.03
N GLY A 316 -19.79 29.32 30.75
CA GLY A 316 -19.73 28.00 30.12
C GLY A 316 -18.68 27.81 29.04
N LYS A 317 -19.03 27.02 28.02
CA LYS A 317 -18.11 26.73 26.92
C LYS A 317 -17.43 27.97 26.32
N ALA A 318 -18.22 29.01 26.05
CA ALA A 318 -17.67 30.23 25.46
C ALA A 318 -16.55 30.79 26.32
N LEU A 319 -16.78 30.80 27.62
CA LEU A 319 -15.78 31.31 28.55
C LEU A 319 -14.58 30.38 28.57
N LEU A 320 -14.84 29.07 28.63
CA LEU A 320 -13.78 28.08 28.66
C LEU A 320 -12.85 28.22 27.46
N LYS A 321 -13.41 28.29 26.26
CA LYS A 321 -12.61 28.44 25.06
C LYS A 321 -11.72 29.66 25.18
N VAL A 322 -12.30 30.76 25.65
CA VAL A 322 -11.55 32.00 25.83
C VAL A 322 -10.46 31.85 26.90
N VAL A 323 -10.78 31.18 28.00
CA VAL A 323 -9.82 31.00 29.08
C VAL A 323 -8.64 30.12 28.64
N MET A 324 -8.93 28.99 27.99
CA MET A 324 -7.88 28.08 27.54
C MET A 324 -6.97 28.69 26.46
N ARG A 325 -7.54 29.48 25.56
CA ARG A 325 -6.74 30.11 24.51
C ARG A 325 -5.72 31.07 25.12
N LYS A 326 -6.12 31.80 26.16
CA LYS A 326 -5.22 32.73 26.83
C LYS A 326 -4.23 31.98 27.71
N PHE A 327 -4.69 30.86 28.27
CA PHE A 327 -3.87 30.05 29.15
C PHE A 327 -2.78 29.29 28.40
N LEU A 328 -3.18 28.56 27.36
CA LEU A 328 -2.23 27.77 26.58
C LEU A 328 -2.51 27.82 25.07
N PRO A 329 -2.23 28.98 24.43
CA PRO A 329 -2.48 29.10 22.99
C PRO A 329 -1.85 27.88 22.32
N ALA A 330 -2.65 27.13 21.58
CA ALA A 330 -2.17 25.91 20.90
C ALA A 330 -0.98 26.13 19.97
N ALA A 331 -1.09 27.10 19.08
CA ALA A 331 -0.02 27.37 18.13
C ALA A 331 1.32 27.52 18.82
N ASP A 332 1.36 28.23 19.95
CA ASP A 332 2.63 28.43 20.64
C ASP A 332 3.30 27.12 21.01
N ALA A 333 2.51 26.13 21.42
CA ALA A 333 3.07 24.82 21.77
C ALA A 333 3.65 24.15 20.53
N LEU A 334 2.94 24.24 19.41
CA LEU A 334 3.38 23.61 18.17
C LEU A 334 4.62 24.28 17.56
N LEU A 335 4.63 25.60 17.52
CA LEU A 335 5.76 26.33 16.98
C LEU A 335 7.03 26.05 17.78
N GLU A 336 6.87 25.89 19.09
CA GLU A 336 7.99 25.63 19.97
C GLU A 336 8.69 24.33 19.57
N MET A 337 7.90 23.28 19.37
CA MET A 337 8.48 21.99 19.02
C MET A 337 9.12 22.04 17.63
N ILE A 338 8.46 22.74 16.71
CA ILE A 338 8.99 22.87 15.35
C ILE A 338 10.35 23.57 15.33
N VAL A 339 10.45 24.71 16.03
CA VAL A 339 11.69 25.48 16.06
C VAL A 339 12.81 24.83 16.84
N LEU A 340 12.52 24.41 18.07
CA LEU A 340 13.52 23.78 18.93
C LEU A 340 13.90 22.36 18.59
N HIS A 341 13.00 21.60 17.98
CA HIS A 341 13.30 20.20 17.69
C HIS A 341 13.35 19.71 16.25
N LEU A 342 12.61 20.33 15.33
CA LEU A 342 12.69 19.86 13.96
C LEU A 342 13.98 20.40 13.35
N PRO A 343 14.61 19.62 12.47
CA PRO A 343 15.86 20.07 11.86
C PRO A 343 15.67 21.09 10.74
N SER A 344 16.70 21.91 10.56
CA SER A 344 16.77 22.91 9.50
C SER A 344 17.25 22.14 8.29
N PRO A 345 17.22 22.75 7.11
CA PRO A 345 17.70 22.04 5.92
C PRO A 345 19.21 21.74 6.07
N VAL A 346 19.95 22.66 6.69
CA VAL A 346 21.40 22.49 6.86
C VAL A 346 21.70 21.21 7.63
N THR A 347 20.97 21.02 8.73
CA THR A 347 21.13 19.84 9.57
C THR A 347 20.68 18.58 8.85
N ALA A 348 19.48 18.64 8.27
CA ALA A 348 18.91 17.48 7.59
C ALA A 348 19.56 17.01 6.31
N GLN A 349 19.94 17.93 5.43
CA GLN A 349 20.55 17.51 4.17
C GLN A 349 21.89 16.80 4.37
N ALA A 350 22.54 17.02 5.51
CA ALA A 350 23.81 16.35 5.78
C ALA A 350 23.61 14.83 5.82
N TYR A 351 22.50 14.36 6.38
CA TYR A 351 22.28 12.92 6.43
C TYR A 351 21.24 12.39 5.43
N ARG A 352 20.61 13.29 4.69
CA ARG A 352 19.61 12.91 3.70
C ARG A 352 20.19 12.93 2.29
N ALA A 353 21.30 13.65 2.14
CA ALA A 353 21.96 13.81 0.85
C ALA A 353 22.09 12.54 0.01
N GLU A 354 22.65 11.49 0.58
CA GLU A 354 22.86 10.26 -0.15
C GLU A 354 21.55 9.65 -0.66
N GLN A 355 20.55 9.51 0.22
CA GLN A 355 19.27 8.95 -0.19
C GLN A 355 18.68 9.77 -1.34
N LEU A 356 18.78 11.08 -1.23
CA LEU A 356 18.23 11.96 -2.25
C LEU A 356 18.97 11.91 -3.59
N TYR A 357 20.25 11.55 -3.55
CA TYR A 357 21.03 11.50 -4.78
C TYR A 357 21.32 10.09 -5.30
N GLU A 358 20.92 9.83 -6.54
CA GLU A 358 21.14 8.53 -7.17
C GLU A 358 22.58 8.42 -7.68
N GLY A 359 23.35 9.50 -7.52
CA GLY A 359 24.73 9.49 -7.99
C GLY A 359 25.76 9.11 -6.95
N PRO A 360 27.07 9.31 -7.26
CA PRO A 360 28.18 8.98 -6.36
C PRO A 360 28.11 9.77 -5.05
N ALA A 361 28.34 9.09 -3.93
CA ALA A 361 28.31 9.75 -2.63
C ALA A 361 29.35 10.86 -2.55
N ASP A 362 30.48 10.66 -3.22
CA ASP A 362 31.57 11.63 -3.22
C ASP A 362 31.50 12.57 -4.41
N ASP A 363 30.37 12.56 -5.11
CA ASP A 363 30.15 13.42 -6.26
C ASP A 363 30.08 14.88 -5.82
N ALA A 364 30.37 15.82 -6.71
CA ALA A 364 30.32 17.24 -6.38
C ALA A 364 28.90 17.72 -6.06
N ASN A 365 27.91 17.21 -6.79
CA ASN A 365 26.52 17.59 -6.56
C ASN A 365 26.00 17.01 -5.24
N CYS A 366 26.40 15.78 -4.94
CA CYS A 366 25.98 15.15 -3.71
C CYS A 366 26.56 15.93 -2.54
N ILE A 367 27.84 16.27 -2.63
CA ILE A 367 28.49 17.04 -1.58
C ILE A 367 27.80 18.39 -1.41
N ALA A 368 27.41 19.01 -2.51
CA ALA A 368 26.73 20.30 -2.43
C ALA A 368 25.39 20.14 -1.71
N ILE A 369 24.72 19.01 -1.92
CA ILE A 369 23.44 18.74 -1.25
C ILE A 369 23.74 18.54 0.24
N LYS A 370 24.75 17.73 0.54
CA LYS A 370 25.15 17.48 1.91
C LYS A 370 25.44 18.76 2.68
N ASN A 371 26.05 19.73 2.01
CA ASN A 371 26.41 21.00 2.64
C ASN A 371 25.37 22.09 2.42
N CYS A 372 24.30 21.76 1.69
CA CYS A 372 23.27 22.75 1.39
C CYS A 372 23.98 23.98 0.84
N ASP A 373 24.91 23.73 -0.07
CA ASP A 373 25.74 24.77 -0.69
C ASP A 373 25.02 25.63 -1.72
N PRO A 374 24.71 26.89 -1.36
CA PRO A 374 24.03 27.77 -2.31
C PRO A 374 24.88 28.22 -3.51
N LYS A 375 26.19 28.10 -3.39
CA LYS A 375 27.09 28.54 -4.48
C LYS A 375 27.41 27.45 -5.48
N ALA A 376 27.04 26.21 -5.16
CA ALA A 376 27.32 25.09 -6.04
C ALA A 376 26.40 25.08 -7.27
N ASP A 377 26.56 24.06 -8.12
CA ASP A 377 25.71 23.92 -9.30
C ASP A 377 24.31 23.61 -8.76
N LEU A 378 23.30 24.08 -9.46
CA LEU A 378 21.91 23.88 -9.07
C LEU A 378 21.45 22.43 -8.99
N MET A 379 20.70 22.13 -7.93
CA MET A 379 20.13 20.80 -7.75
C MET A 379 18.76 21.07 -7.15
N LEU A 380 17.78 21.22 -8.03
CA LEU A 380 16.41 21.51 -7.62
C LEU A 380 15.49 20.36 -7.96
N TYR A 381 14.84 19.81 -6.94
CA TYR A 381 13.92 18.68 -7.10
C TYR A 381 12.48 19.18 -7.30
N VAL A 382 11.87 18.82 -8.41
CA VAL A 382 10.50 19.23 -8.66
C VAL A 382 9.60 18.17 -8.06
N SER A 383 8.94 18.53 -6.96
CA SER A 383 8.07 17.62 -6.22
C SER A 383 6.72 17.30 -6.88
N LYS A 384 6.19 18.26 -7.62
CA LYS A 384 4.92 18.06 -8.31
C LYS A 384 4.53 19.31 -9.06
N MET A 385 3.47 19.20 -9.86
CA MET A 385 2.97 20.33 -10.63
C MET A 385 1.70 20.78 -9.93
N VAL A 386 1.53 22.09 -9.79
CA VAL A 386 0.37 22.65 -9.12
C VAL A 386 -0.52 23.40 -10.11
N PRO A 387 -1.83 23.08 -10.11
CA PRO A 387 -2.83 23.70 -10.97
C PRO A 387 -2.94 25.18 -10.68
N THR A 388 -3.09 25.99 -11.73
CA THR A 388 -3.23 27.43 -11.59
C THR A 388 -4.40 27.93 -12.42
N SER A 389 -4.77 29.19 -12.20
CA SER A 389 -5.85 29.82 -12.94
C SER A 389 -5.27 30.43 -14.22
N ASP A 390 -4.00 30.13 -14.49
CA ASP A 390 -3.29 30.65 -15.66
C ASP A 390 -3.61 29.72 -16.83
N LYS A 391 -4.85 29.81 -17.29
CA LYS A 391 -5.34 28.99 -18.40
C LYS A 391 -4.61 27.69 -18.69
N GLY A 392 -4.96 26.65 -17.93
CA GLY A 392 -4.36 25.34 -18.14
C GLY A 392 -2.89 25.21 -17.80
N ARG A 393 -2.27 26.29 -17.35
CA ARG A 393 -0.85 26.23 -16.99
C ARG A 393 -0.65 25.81 -15.53
N PHE A 394 0.33 24.94 -15.31
CA PHE A 394 0.69 24.44 -13.99
C PHE A 394 2.08 24.98 -13.61
N TYR A 395 2.30 25.23 -12.32
CA TYR A 395 3.60 25.70 -11.86
C TYR A 395 4.26 24.54 -11.18
N ALA A 396 5.56 24.41 -11.38
CA ALA A 396 6.33 23.34 -10.77
C ALA A 396 6.58 23.73 -9.31
N PHE A 397 6.40 22.78 -8.41
CA PHE A 397 6.63 23.00 -6.99
C PHE A 397 7.78 22.10 -6.55
N GLY A 398 8.69 22.64 -5.76
CA GLY A 398 9.80 21.82 -5.32
C GLY A 398 10.75 22.45 -4.34
N ARG A 399 11.94 21.89 -4.23
CA ARG A 399 12.92 22.39 -3.27
C ARG A 399 14.32 22.48 -3.85
N VAL A 400 15.00 23.58 -3.54
CA VAL A 400 16.36 23.82 -3.98
C VAL A 400 17.30 23.17 -2.96
N PHE A 401 17.93 22.07 -3.34
CA PHE A 401 18.83 21.34 -2.45
C PHE A 401 20.28 21.81 -2.53
N ALA A 402 20.66 22.41 -3.66
CA ALA A 402 22.00 22.94 -3.88
C ALA A 402 21.95 24.03 -4.94
N GLY A 403 22.83 25.03 -4.81
CA GLY A 403 22.86 26.12 -5.76
C GLY A 403 21.78 27.14 -5.44
N THR A 404 21.46 27.99 -6.40
CA THR A 404 20.43 28.98 -6.23
C THR A 404 19.75 29.13 -7.60
N VAL A 405 18.43 28.96 -7.63
CA VAL A 405 17.70 29.08 -8.89
C VAL A 405 17.43 30.56 -9.13
N LYS A 406 17.45 30.96 -10.40
CA LYS A 406 17.25 32.37 -10.76
C LYS A 406 16.34 32.51 -11.96
N SER A 407 15.66 33.64 -12.03
CA SER A 407 14.76 33.93 -13.15
C SER A 407 15.59 34.14 -14.41
N GLY A 408 15.24 33.45 -15.48
CA GLY A 408 15.97 33.59 -16.73
C GLY A 408 17.29 32.85 -16.68
N GLN A 409 17.33 31.78 -15.91
CA GLN A 409 18.52 30.97 -15.77
C GLN A 409 18.49 29.72 -16.64
N LYS A 410 19.55 29.50 -17.40
CA LYS A 410 19.62 28.31 -18.25
C LYS A 410 19.75 27.12 -17.31
N VAL A 411 18.86 26.15 -17.46
CA VAL A 411 18.90 24.97 -16.60
C VAL A 411 18.63 23.69 -17.39
N ARG A 412 19.02 22.57 -16.82
CA ARG A 412 18.83 21.27 -17.44
C ARG A 412 17.71 20.51 -16.73
N ILE A 413 16.61 20.27 -17.45
CA ILE A 413 15.45 19.54 -16.89
C ILE A 413 15.59 18.05 -17.16
N GLN A 414 15.74 17.26 -16.11
CA GLN A 414 15.91 15.82 -16.23
C GLN A 414 14.70 15.05 -15.70
N GLY A 415 14.10 14.24 -16.58
CA GLY A 415 12.94 13.46 -16.19
C GLY A 415 13.26 12.19 -15.42
N PRO A 416 12.24 11.36 -15.12
CA PRO A 416 12.41 10.11 -14.37
C PRO A 416 13.30 9.07 -15.05
N ASN A 417 13.70 9.31 -16.29
CA ASN A 417 14.56 8.37 -17.00
C ASN A 417 15.90 8.97 -17.41
N TYR A 418 16.02 10.29 -17.31
CA TYR A 418 17.26 10.95 -17.70
C TYR A 418 18.49 10.39 -17.01
N VAL A 419 19.52 10.15 -17.81
CA VAL A 419 20.80 9.63 -17.36
C VAL A 419 21.88 10.52 -17.97
N PRO A 420 22.90 10.87 -17.18
CA PRO A 420 24.01 11.72 -17.64
C PRO A 420 24.43 11.59 -19.11
N GLY A 421 24.86 10.40 -19.51
CA GLY A 421 25.30 10.18 -20.88
C GLY A 421 24.23 10.29 -21.95
N LYS A 422 23.18 9.49 -21.82
CA LYS A 422 22.08 9.48 -22.78
C LYS A 422 21.20 10.74 -22.64
N LYS A 423 20.74 11.28 -23.76
CA LYS A 423 19.92 12.48 -23.74
C LYS A 423 18.42 12.19 -23.61
N ASP A 424 18.10 11.11 -22.90
CA ASP A 424 16.70 10.74 -22.69
C ASP A 424 16.12 11.55 -21.53
N ASP A 425 15.08 12.34 -21.81
CA ASP A 425 14.42 13.18 -20.82
C ASP A 425 15.10 14.54 -20.59
N LEU A 426 16.13 14.83 -21.38
CA LEU A 426 16.83 16.10 -21.22
C LEU A 426 16.05 17.24 -21.87
N PHE A 427 16.06 18.39 -21.22
CA PHE A 427 15.37 19.58 -21.73
C PHE A 427 16.07 20.82 -21.18
N ILE A 428 16.81 21.51 -22.04
CA ILE A 428 17.54 22.69 -21.61
C ILE A 428 16.76 23.95 -21.93
N LYS A 429 16.20 24.58 -20.90
CA LYS A 429 15.42 25.80 -21.11
C LYS A 429 15.75 26.86 -20.06
N ALA A 430 15.26 28.06 -20.29
CA ALA A 430 15.50 29.18 -19.36
C ALA A 430 14.29 29.39 -18.45
N ILE A 431 14.51 29.29 -17.14
CA ILE A 431 13.43 29.47 -16.18
C ILE A 431 12.77 30.83 -16.33
N GLN A 432 11.51 30.82 -16.71
CA GLN A 432 10.76 32.04 -16.93
C GLN A 432 10.56 32.92 -15.71
N ARG A 433 10.35 32.30 -14.55
CA ARG A 433 10.13 33.07 -13.34
C ARG A 433 10.13 32.19 -12.10
N VAL A 434 10.75 32.68 -11.04
CA VAL A 434 10.81 31.97 -9.77
C VAL A 434 9.79 32.67 -8.90
N VAL A 435 8.94 31.89 -8.24
CA VAL A 435 7.93 32.49 -7.39
C VAL A 435 7.78 31.84 -6.01
N LEU A 436 7.45 32.66 -5.02
CA LEU A 436 7.21 32.15 -3.67
C LEU A 436 5.79 31.59 -3.77
N MET A 437 5.55 30.42 -3.19
CA MET A 437 4.23 29.81 -3.23
C MET A 437 3.56 30.06 -1.87
N MET A 438 2.84 31.16 -1.77
CA MET A 438 2.16 31.58 -0.55
C MET A 438 0.68 31.17 -0.55
N GLY A 439 0.38 29.94 -0.15
CA GLY A 439 -0.99 29.50 -0.15
C GLY A 439 -1.55 29.44 -1.56
N ARG A 440 -2.63 30.16 -1.82
CA ARG A 440 -3.23 30.15 -3.16
C ARG A 440 -2.68 31.25 -4.04
N PHE A 441 -1.68 31.96 -3.54
CA PHE A 441 -1.08 33.07 -4.27
C PHE A 441 0.42 32.87 -4.53
N VAL A 442 0.94 33.53 -5.56
CA VAL A 442 2.35 33.43 -5.89
C VAL A 442 2.95 34.83 -5.93
N GLU A 443 4.25 34.94 -5.65
CA GLU A 443 4.94 36.22 -5.64
C GLU A 443 6.32 36.07 -6.28
N PRO A 444 6.51 36.67 -7.48
CA PRO A 444 7.79 36.57 -8.17
C PRO A 444 8.94 37.04 -7.28
N ILE A 445 10.08 36.38 -7.41
CA ILE A 445 11.26 36.72 -6.64
C ILE A 445 12.46 36.49 -7.57
N ASP A 446 13.50 37.31 -7.47
CA ASP A 446 14.65 37.14 -8.37
C ASP A 446 15.32 35.77 -8.29
N ASP A 447 15.65 35.32 -7.09
CA ASP A 447 16.28 34.02 -6.93
C ASP A 447 15.92 33.34 -5.62
N CYS A 448 16.40 32.11 -5.47
CA CYS A 448 16.11 31.34 -4.26
C CYS A 448 17.24 30.38 -3.97
N PRO A 449 17.96 30.62 -2.86
CA PRO A 449 19.09 29.77 -2.46
C PRO A 449 18.77 28.38 -1.92
N ALA A 450 19.80 27.53 -1.92
CA ALA A 450 19.70 26.17 -1.43
C ALA A 450 19.14 26.12 -0.02
N GLY A 451 18.22 25.17 0.19
CA GLY A 451 17.59 24.98 1.48
C GLY A 451 16.12 25.39 1.53
N ASN A 452 15.70 26.12 0.50
CA ASN A 452 14.34 26.63 0.44
C ASN A 452 13.37 25.90 -0.47
N ILE A 453 12.10 26.20 -0.27
CA ILE A 453 11.01 25.63 -1.04
C ILE A 453 10.60 26.73 -2.02
N ILE A 454 10.24 26.36 -3.25
CA ILE A 454 9.92 27.41 -4.22
C ILE A 454 9.07 26.86 -5.35
N GLY A 455 8.50 27.78 -6.14
CA GLY A 455 7.70 27.41 -7.29
C GLY A 455 8.33 27.96 -8.58
N LEU A 456 8.19 27.23 -9.68
CA LEU A 456 8.76 27.63 -10.96
C LEU A 456 7.70 27.70 -12.07
N VAL A 457 7.65 28.81 -12.77
CA VAL A 457 6.69 28.96 -13.86
C VAL A 457 7.37 28.85 -15.21
N GLY A 458 6.75 28.10 -16.11
CA GLY A 458 7.30 27.92 -17.44
C GLY A 458 7.91 26.54 -17.65
N ILE A 459 7.85 25.70 -16.62
CA ILE A 459 8.40 24.35 -16.67
C ILE A 459 7.35 23.32 -17.09
N ASP A 460 6.10 23.76 -17.15
CA ASP A 460 4.94 22.95 -17.52
C ASP A 460 5.18 21.69 -18.37
N GLN A 461 5.23 21.89 -19.70
CA GLN A 461 5.40 20.83 -20.68
C GLN A 461 6.65 19.95 -20.59
N PHE A 462 7.77 20.56 -20.22
CA PHE A 462 9.02 19.83 -20.13
C PHE A 462 9.04 18.76 -19.05
N LEU A 463 8.14 18.86 -18.08
CA LEU A 463 8.09 17.87 -17.01
C LEU A 463 6.66 17.72 -16.47
N LEU A 464 6.37 16.55 -15.91
CA LEU A 464 5.06 16.27 -15.33
C LEU A 464 5.24 15.31 -14.17
N LYS A 465 4.87 15.76 -12.97
CA LYS A 465 5.03 15.01 -11.74
C LYS A 465 6.48 15.21 -11.27
N THR A 466 7.11 14.22 -10.68
CA THR A 466 8.48 14.45 -10.20
C THR A 466 9.54 14.68 -11.28
N GLY A 467 10.63 15.36 -10.91
CA GLY A 467 11.72 15.65 -11.82
C GLY A 467 12.94 16.25 -11.14
N THR A 468 13.89 16.76 -11.94
CA THR A 468 15.11 17.39 -11.40
C THR A 468 15.71 18.46 -12.30
N LEU A 469 16.02 19.61 -11.73
CA LEU A 469 16.64 20.70 -12.48
C LEU A 469 18.07 20.90 -11.99
N THR A 470 19.02 20.82 -12.92
CA THR A 470 20.43 20.97 -12.61
C THR A 470 21.12 21.92 -13.58
N THR A 471 22.28 22.44 -13.17
CA THR A 471 23.03 23.34 -14.02
C THR A 471 24.39 22.70 -14.27
N SER A 472 24.45 21.40 -14.03
CA SER A 472 25.67 20.62 -14.21
C SER A 472 25.45 19.51 -15.22
N GLU A 473 26.32 19.44 -16.23
CA GLU A 473 26.25 18.42 -17.27
C GLU A 473 26.50 17.04 -16.64
N THR A 474 27.22 17.04 -15.53
CA THR A 474 27.56 15.82 -14.81
C THR A 474 26.46 15.46 -13.81
N ALA A 475 25.57 16.41 -13.55
CA ALA A 475 24.50 16.22 -12.58
C ALA A 475 23.66 14.96 -12.80
N HIS A 476 23.60 14.13 -11.76
CA HIS A 476 22.82 12.90 -11.80
C HIS A 476 21.41 13.29 -11.34
N ASN A 477 20.48 12.36 -11.42
CA ASN A 477 19.10 12.64 -11.02
C ASN A 477 18.80 12.34 -9.55
N MET A 478 18.08 13.25 -8.90
CA MET A 478 17.72 13.04 -7.50
C MET A 478 16.71 11.89 -7.43
N LYS A 479 16.81 11.09 -6.36
CA LYS A 479 15.95 9.92 -6.16
C LYS A 479 14.61 9.95 -6.88
N VAL A 480 14.45 9.02 -7.82
CA VAL A 480 13.23 8.93 -8.60
C VAL A 480 12.35 7.79 -8.10
N MET A 481 11.04 7.94 -8.29
CA MET A 481 10.07 6.93 -7.87
C MET A 481 10.23 5.66 -8.68
N LYS A 482 10.25 4.51 -7.99
CA LYS A 482 10.35 3.24 -8.68
C LYS A 482 8.91 2.84 -9.01
N PHE A 483 8.69 2.40 -10.24
CA PHE A 483 7.35 2.00 -10.65
C PHE A 483 7.28 0.60 -11.25
N SER A 484 6.16 -0.07 -11.01
CA SER A 484 5.95 -1.41 -11.54
C SER A 484 6.01 -1.35 -13.06
N VAL A 485 6.49 -2.43 -13.67
CA VAL A 485 6.59 -2.50 -15.12
C VAL A 485 6.02 -3.82 -15.63
N SER A 486 5.26 -4.49 -14.78
CA SER A 486 4.62 -5.77 -15.10
C SER A 486 3.11 -5.65 -15.00
N PRO A 487 2.38 -6.25 -15.95
CA PRO A 487 0.91 -6.20 -15.96
C PRO A 487 0.31 -7.12 -14.90
N VAL A 488 0.63 -6.87 -13.63
CA VAL A 488 0.14 -7.71 -12.54
C VAL A 488 -1.27 -7.48 -12.03
N VAL A 489 -1.87 -6.34 -12.37
CA VAL A 489 -3.24 -6.07 -11.92
C VAL A 489 -4.14 -6.39 -13.11
N GLN A 490 -5.01 -7.39 -12.95
CA GLN A 490 -5.87 -7.81 -14.05
C GLN A 490 -7.33 -7.98 -13.67
N VAL A 491 -8.21 -7.61 -14.60
CA VAL A 491 -9.65 -7.75 -14.42
C VAL A 491 -10.32 -8.23 -15.69
N ALA A 492 -11.53 -8.76 -15.53
CA ALA A 492 -12.32 -9.24 -16.66
C ALA A 492 -13.20 -8.08 -17.12
N VAL A 493 -13.28 -7.91 -18.44
CA VAL A 493 -14.09 -6.85 -19.04
C VAL A 493 -15.12 -7.41 -20.01
N GLU A 494 -16.37 -7.05 -19.81
CA GLU A 494 -17.43 -7.54 -20.68
C GLU A 494 -18.43 -6.43 -20.99
N VAL A 495 -19.02 -6.47 -22.17
CA VAL A 495 -20.01 -5.46 -22.56
C VAL A 495 -21.34 -5.73 -21.88
N LYS A 496 -22.01 -4.67 -21.44
CA LYS A 496 -23.31 -4.81 -20.79
C LYS A 496 -24.37 -5.14 -21.84
N ASN A 497 -24.10 -4.75 -23.07
CA ASN A 497 -25.02 -5.00 -24.18
C ASN A 497 -24.33 -5.87 -25.24
N ALA A 498 -24.73 -7.13 -25.28
CA ALA A 498 -24.19 -8.12 -26.20
C ALA A 498 -23.81 -7.57 -27.57
N ASN A 499 -24.70 -6.76 -28.14
CA ASN A 499 -24.47 -6.17 -29.46
C ASN A 499 -23.21 -5.32 -29.57
N ASP A 500 -22.70 -4.85 -28.43
CA ASP A 500 -21.52 -3.99 -28.44
C ASP A 500 -20.17 -4.71 -28.48
N LEU A 501 -20.20 -6.03 -28.44
CA LEU A 501 -18.96 -6.82 -28.47
C LEU A 501 -17.97 -6.33 -29.52
N PRO A 502 -18.43 -6.15 -30.77
CA PRO A 502 -17.51 -5.69 -31.81
C PRO A 502 -16.75 -4.42 -31.42
N LYS A 503 -17.43 -3.54 -30.69
CA LYS A 503 -16.84 -2.28 -30.26
C LYS A 503 -15.81 -2.52 -29.16
N LEU A 504 -16.12 -3.43 -28.24
CA LEU A 504 -15.19 -3.73 -27.16
C LEU A 504 -13.92 -4.36 -27.73
N VAL A 505 -14.08 -5.41 -28.53
CA VAL A 505 -12.94 -6.08 -29.13
C VAL A 505 -12.08 -5.09 -29.89
N GLU A 506 -12.72 -4.18 -30.63
CA GLU A 506 -11.99 -3.17 -31.38
C GLU A 506 -11.30 -2.21 -30.40
N GLY A 507 -12.02 -1.86 -29.34
CA GLY A 507 -11.47 -0.96 -28.35
C GLY A 507 -10.20 -1.51 -27.72
N LEU A 508 -10.20 -2.79 -27.41
CA LEU A 508 -9.04 -3.43 -26.80
C LEU A 508 -7.81 -3.27 -27.68
N LYS A 509 -8.00 -3.40 -28.99
CA LYS A 509 -6.89 -3.25 -29.91
C LYS A 509 -6.38 -1.81 -29.88
N ARG A 510 -7.31 -0.87 -29.88
CA ARG A 510 -6.95 0.55 -29.83
C ARG A 510 -6.20 0.83 -28.54
N LEU A 511 -6.76 0.37 -27.43
CA LEU A 511 -6.13 0.57 -26.12
C LEU A 511 -4.70 0.04 -26.14
N SER A 512 -4.52 -1.18 -26.61
CA SER A 512 -3.21 -1.80 -26.69
C SER A 512 -2.23 -1.00 -27.53
N LYS A 513 -2.68 -0.53 -28.69
CA LYS A 513 -1.82 0.26 -29.57
C LYS A 513 -1.38 1.58 -28.96
N SER A 514 -2.26 2.17 -28.15
CA SER A 514 -1.97 3.45 -27.52
C SER A 514 -1.15 3.34 -26.25
N ASP A 515 -1.11 2.15 -25.66
CA ASP A 515 -0.36 1.96 -24.42
C ASP A 515 0.50 0.70 -24.46
N PRO A 516 1.82 0.87 -24.35
CA PRO A 516 2.77 -0.24 -24.36
C PRO A 516 2.74 -1.11 -23.11
N CYS A 517 2.35 -0.52 -21.99
CA CYS A 517 2.33 -1.24 -20.72
C CYS A 517 1.01 -1.93 -20.40
N VAL A 518 0.02 -1.78 -21.26
CA VAL A 518 -1.26 -2.44 -21.01
C VAL A 518 -1.26 -3.80 -21.72
N LEU A 519 -1.93 -4.77 -21.11
CA LEU A 519 -2.01 -6.11 -21.69
C LEU A 519 -3.46 -6.58 -21.73
N THR A 520 -3.87 -7.14 -22.87
CA THR A 520 -5.22 -7.66 -23.01
C THR A 520 -5.11 -9.02 -23.68
N TYR A 521 -5.89 -9.99 -23.19
CA TYR A 521 -5.87 -11.34 -23.75
C TYR A 521 -7.13 -12.09 -23.33
N MET A 522 -7.40 -13.21 -23.99
CA MET A 522 -8.57 -14.02 -23.69
C MET A 522 -8.19 -15.05 -22.63
N SER A 523 -8.98 -15.17 -21.57
CA SER A 523 -8.66 -16.11 -20.51
C SER A 523 -9.11 -17.52 -20.89
N GLU A 524 -8.64 -18.49 -20.12
CA GLU A 524 -9.00 -19.88 -20.31
C GLU A 524 -10.51 -20.06 -20.12
N SER A 525 -11.14 -19.13 -19.40
CA SER A 525 -12.58 -19.24 -19.16
C SER A 525 -13.39 -18.36 -20.12
N GLY A 526 -12.75 -17.93 -21.21
CA GLY A 526 -13.44 -17.12 -22.20
C GLY A 526 -13.72 -15.68 -21.82
N GLU A 527 -12.90 -15.09 -20.97
CA GLU A 527 -13.11 -13.70 -20.59
C GLU A 527 -12.06 -12.77 -21.16
N HIS A 528 -12.49 -11.58 -21.56
CA HIS A 528 -11.55 -10.60 -22.07
C HIS A 528 -10.88 -10.06 -20.81
N ILE A 529 -9.56 -10.17 -20.78
CA ILE A 529 -8.78 -9.71 -19.64
C ILE A 529 -7.96 -8.48 -19.98
N VAL A 530 -8.03 -7.47 -19.11
CA VAL A 530 -7.26 -6.24 -19.29
C VAL A 530 -6.35 -6.19 -18.07
N ALA A 531 -5.06 -6.03 -18.32
CA ALA A 531 -4.08 -6.02 -17.25
C ALA A 531 -3.20 -4.79 -17.29
N GLY A 532 -3.00 -4.19 -16.12
CA GLY A 532 -2.19 -3.00 -16.04
C GLY A 532 -1.05 -3.17 -15.05
N THR A 533 -0.13 -2.21 -15.09
CA THR A 533 1.05 -2.18 -14.24
C THR A 533 0.72 -1.99 -12.76
N GLY A 534 -0.32 -1.22 -12.47
CA GLY A 534 -0.70 -0.99 -11.09
C GLY A 534 -2.18 -0.66 -11.07
N GLU A 535 -2.75 -0.48 -9.88
CA GLU A 535 -4.16 -0.17 -9.77
C GLU A 535 -4.52 1.12 -10.52
N LEU A 536 -3.73 2.17 -10.30
CA LEU A 536 -4.00 3.44 -10.97
C LEU A 536 -3.89 3.33 -12.49
N HIS A 537 -2.83 2.68 -12.95
CA HIS A 537 -2.63 2.52 -14.39
C HIS A 537 -3.80 1.76 -14.99
N LEU A 538 -4.16 0.63 -14.37
CA LEU A 538 -5.28 -0.18 -14.84
C LEU A 538 -6.55 0.68 -14.85
N GLU A 539 -6.77 1.44 -13.79
CA GLU A 539 -7.95 2.32 -13.71
C GLU A 539 -8.02 3.30 -14.89
N ILE A 540 -6.89 3.92 -15.23
CA ILE A 540 -6.87 4.87 -16.35
C ILE A 540 -7.22 4.14 -17.64
N CYS A 541 -6.63 2.96 -17.81
CA CYS A 541 -6.86 2.14 -18.99
C CYS A 541 -8.33 1.77 -19.14
N LEU A 542 -8.96 1.36 -18.04
CA LEU A 542 -10.36 0.98 -18.08
C LEU A 542 -11.29 2.18 -18.37
N GLN A 543 -10.92 3.35 -17.87
CA GLN A 543 -11.72 4.55 -18.09
C GLN A 543 -11.67 4.91 -19.56
N ASP A 544 -10.46 5.01 -20.11
CA ASP A 544 -10.28 5.34 -21.52
C ASP A 544 -10.90 4.27 -22.41
N LEU A 545 -10.91 3.02 -21.95
CA LEU A 545 -11.49 1.95 -22.74
C LEU A 545 -12.98 2.17 -22.85
N GLU A 546 -13.66 2.24 -21.72
CA GLU A 546 -15.09 2.42 -21.73
C GLU A 546 -15.53 3.71 -22.41
N HIS A 547 -14.80 4.79 -22.18
CA HIS A 547 -15.19 6.07 -22.75
C HIS A 547 -14.79 6.32 -24.20
N ASP A 548 -13.51 6.15 -24.51
CA ASP A 548 -13.03 6.40 -25.87
C ASP A 548 -12.79 5.15 -26.72
N HIS A 549 -11.77 4.38 -26.35
CA HIS A 549 -11.40 3.18 -27.10
C HIS A 549 -12.61 2.34 -27.54
N ALA A 550 -13.44 1.93 -26.59
CA ALA A 550 -14.61 1.13 -26.92
C ALA A 550 -15.86 2.00 -26.99
N GLY A 551 -15.89 3.04 -26.16
CA GLY A 551 -17.02 3.95 -26.14
C GLY A 551 -18.35 3.26 -25.93
N VAL A 552 -18.39 2.28 -25.05
CA VAL A 552 -19.62 1.54 -24.79
C VAL A 552 -19.61 1.08 -23.34
N PRO A 553 -20.80 0.90 -22.73
CA PRO A 553 -20.88 0.46 -21.34
C PRO A 553 -20.14 -0.86 -21.13
N LEU A 554 -19.41 -0.97 -20.03
CA LEU A 554 -18.65 -2.17 -19.73
C LEU A 554 -18.88 -2.63 -18.31
N LYS A 555 -18.71 -3.93 -18.08
CA LYS A 555 -18.86 -4.52 -16.77
C LYS A 555 -17.48 -5.03 -16.37
N ILE A 556 -17.00 -4.59 -15.22
CA ILE A 556 -15.68 -4.98 -14.74
C ILE A 556 -15.82 -5.91 -13.56
N SER A 557 -15.04 -6.99 -13.57
CA SER A 557 -15.13 -7.96 -12.50
C SER A 557 -13.85 -8.77 -12.30
N PRO A 558 -13.73 -9.43 -11.14
CA PRO A 558 -12.54 -10.24 -10.86
C PRO A 558 -12.58 -11.41 -11.85
N PRO A 559 -11.48 -11.65 -12.56
CA PRO A 559 -11.44 -12.75 -13.52
C PRO A 559 -11.79 -14.12 -12.96
N VAL A 560 -12.59 -14.86 -13.72
CA VAL A 560 -12.98 -16.20 -13.34
C VAL A 560 -11.73 -17.07 -13.47
N VAL A 561 -11.50 -17.91 -12.46
CA VAL A 561 -10.35 -18.79 -12.47
C VAL A 561 -10.73 -20.16 -13.03
N ALA A 562 -9.89 -20.70 -13.90
CA ALA A 562 -10.17 -22.02 -14.47
C ALA A 562 -9.60 -23.10 -13.55
N TYR A 563 -10.29 -24.23 -13.46
CA TYR A 563 -9.82 -25.37 -12.67
C TYR A 563 -9.78 -26.60 -13.58
N ARG A 564 -9.21 -27.68 -13.05
CA ARG A 564 -9.14 -28.94 -13.78
C ARG A 564 -9.72 -30.02 -12.89
N GLU A 565 -10.33 -31.02 -13.49
CA GLU A 565 -10.92 -32.11 -12.73
C GLU A 565 -10.03 -33.36 -12.90
N THR A 566 -9.59 -33.91 -11.77
CA THR A 566 -8.74 -35.09 -11.83
C THR A 566 -9.17 -36.13 -10.80
N VAL A 567 -8.42 -37.23 -10.75
CA VAL A 567 -8.70 -38.33 -9.83
C VAL A 567 -7.44 -38.60 -9.01
N GLU A 568 -7.62 -38.84 -7.73
CA GLU A 568 -6.49 -39.09 -6.84
C GLU A 568 -6.04 -40.55 -6.83
N SER A 569 -6.91 -41.48 -7.22
CA SER A 569 -6.54 -42.89 -7.23
C SER A 569 -7.39 -43.65 -8.23
N GLU A 570 -7.24 -44.97 -8.24
CA GLU A 570 -7.99 -45.82 -9.14
C GLU A 570 -9.44 -45.93 -8.66
N SER A 571 -10.35 -46.22 -9.59
CA SER A 571 -11.77 -46.36 -9.25
C SER A 571 -11.91 -47.47 -8.21
N SER A 572 -12.57 -47.17 -7.09
CA SER A 572 -12.74 -48.16 -6.01
C SER A 572 -13.45 -49.44 -6.46
N GLN A 573 -14.08 -49.38 -7.63
CA GLN A 573 -14.75 -50.55 -8.20
C GLN A 573 -15.00 -50.26 -9.67
N THR A 574 -15.13 -51.33 -10.46
CA THR A 574 -15.39 -51.21 -11.88
C THR A 574 -16.62 -50.35 -12.17
N ALA A 575 -16.48 -49.41 -13.09
CA ALA A 575 -17.61 -48.57 -13.47
C ALA A 575 -18.37 -49.28 -14.57
N LEU A 576 -19.69 -49.36 -14.41
CA LEU A 576 -20.51 -50.03 -15.40
C LEU A 576 -21.63 -49.10 -15.88
N SER A 577 -21.77 -48.98 -17.19
CA SER A 577 -22.81 -48.13 -17.76
C SER A 577 -23.37 -48.80 -19.00
N LYS A 578 -24.64 -48.55 -19.29
CA LYS A 578 -25.28 -49.11 -20.46
C LYS A 578 -25.80 -48.01 -21.38
N SER A 579 -26.00 -48.34 -22.64
CA SER A 579 -26.47 -47.37 -23.63
C SER A 579 -27.96 -47.15 -23.48
N PRO A 580 -28.49 -46.07 -24.10
CA PRO A 580 -29.93 -45.84 -23.99
C PRO A 580 -30.64 -47.12 -24.41
N ASN A 581 -30.14 -47.74 -25.47
CA ASN A 581 -30.70 -48.99 -25.99
C ASN A 581 -30.83 -50.05 -24.89
N LYS A 582 -29.90 -50.01 -23.95
CA LYS A 582 -29.82 -50.97 -22.85
C LYS A 582 -29.21 -52.27 -23.35
N HIS A 583 -28.80 -52.28 -24.62
CA HIS A 583 -28.20 -53.47 -25.24
C HIS A 583 -26.67 -53.47 -25.16
N ASN A 584 -26.07 -52.30 -24.98
CA ASN A 584 -24.62 -52.22 -24.91
C ASN A 584 -24.12 -51.76 -23.54
N ARG A 585 -22.98 -52.31 -23.11
CA ARG A 585 -22.39 -51.93 -21.83
C ARG A 585 -20.88 -51.77 -21.89
N ILE A 586 -20.36 -50.87 -21.07
CA ILE A 586 -18.92 -50.65 -21.03
C ILE A 586 -18.48 -50.78 -19.57
N TYR A 587 -17.35 -51.44 -19.36
CA TYR A 587 -16.79 -51.65 -18.02
C TYR A 587 -15.43 -50.96 -18.03
N LEU A 588 -15.18 -50.08 -17.07
CA LEU A 588 -13.91 -49.37 -17.04
C LEU A 588 -13.58 -48.87 -15.65
N LYS A 589 -12.34 -48.42 -15.50
CA LYS A 589 -11.84 -47.87 -14.26
C LYS A 589 -10.96 -46.68 -14.63
N ALA A 590 -10.98 -45.64 -13.80
CA ALA A 590 -10.15 -44.49 -14.05
C ALA A 590 -9.03 -44.52 -13.02
N GLU A 591 -7.90 -43.90 -13.34
CA GLU A 591 -6.76 -43.82 -12.44
C GLU A 591 -5.92 -42.59 -12.80
N PRO A 592 -5.11 -42.10 -11.87
CA PRO A 592 -4.27 -40.94 -12.11
C PRO A 592 -3.13 -41.14 -13.09
N ILE A 593 -2.84 -40.10 -13.87
CA ILE A 593 -1.70 -40.13 -14.76
C ILE A 593 -0.68 -39.36 -13.93
N ASP A 594 0.52 -39.87 -13.83
CA ASP A 594 1.53 -39.17 -13.03
C ASP A 594 1.79 -37.78 -13.58
N GLU A 595 2.01 -36.81 -12.68
CA GLU A 595 2.32 -35.42 -13.05
C GLU A 595 3.37 -35.33 -14.15
N GLU A 596 4.46 -36.08 -14.01
CA GLU A 596 5.55 -36.01 -14.99
C GLU A 596 5.11 -36.42 -16.39
N VAL A 597 4.13 -37.32 -16.47
CA VAL A 597 3.63 -37.77 -17.75
C VAL A 597 2.72 -36.69 -18.31
N SER A 598 1.82 -36.18 -17.48
CA SER A 598 0.93 -35.10 -17.92
C SER A 598 1.79 -33.93 -18.44
N LEU A 599 2.85 -33.60 -17.72
CA LEU A 599 3.73 -32.52 -18.12
C LEU A 599 4.41 -32.87 -19.44
N ALA A 600 4.79 -34.14 -19.60
CA ALA A 600 5.44 -34.60 -20.81
C ALA A 600 4.49 -34.47 -21.99
N ILE A 601 3.21 -34.71 -21.74
CA ILE A 601 2.20 -34.59 -22.78
C ILE A 601 1.96 -33.13 -23.13
N GLU A 602 1.76 -32.30 -22.10
CA GLU A 602 1.49 -30.88 -22.32
C GLU A 602 2.65 -30.16 -22.99
N ASN A 603 3.87 -30.60 -22.72
CA ASN A 603 5.05 -29.95 -23.27
C ASN A 603 5.69 -30.57 -24.50
N GLY A 604 5.03 -31.57 -25.08
CA GLY A 604 5.59 -32.11 -26.31
C GLY A 604 6.58 -33.25 -26.30
N ILE A 605 6.75 -33.93 -25.18
CA ILE A 605 7.66 -35.08 -25.14
C ILE A 605 6.89 -36.35 -25.57
N ILE A 606 5.64 -36.44 -25.13
CA ILE A 606 4.76 -37.56 -25.46
C ILE A 606 3.65 -36.93 -26.28
N ASN A 607 3.62 -37.27 -27.57
CA ASN A 607 2.65 -36.66 -28.48
C ASN A 607 1.61 -37.54 -29.13
N PRO A 608 0.40 -37.01 -29.30
CA PRO A 608 -0.74 -37.69 -29.91
C PRO A 608 -0.40 -38.29 -31.27
N ARG A 609 0.33 -37.55 -32.10
CA ARG A 609 0.66 -38.08 -33.43
C ARG A 609 1.98 -38.85 -33.57
N ASP A 610 2.72 -39.02 -32.48
CA ASP A 610 3.97 -39.77 -32.61
C ASP A 610 3.68 -41.23 -32.94
N ASP A 611 4.68 -41.89 -33.51
CA ASP A 611 4.55 -43.31 -33.83
C ASP A 611 4.18 -44.01 -32.53
N PHE A 612 3.07 -44.74 -32.54
CA PHE A 612 2.62 -45.42 -31.33
C PHE A 612 3.65 -46.36 -30.72
N LYS A 613 4.49 -46.95 -31.57
CA LYS A 613 5.51 -47.89 -31.09
C LYS A 613 6.63 -47.18 -30.33
N ALA A 614 7.27 -46.20 -30.95
CA ALA A 614 8.36 -45.48 -30.29
C ALA A 614 7.85 -44.75 -29.04
N ARG A 615 6.62 -44.25 -29.12
CA ARG A 615 6.05 -43.55 -27.98
C ARG A 615 5.83 -44.51 -26.82
N ALA A 616 5.40 -45.73 -27.13
CA ALA A 616 5.15 -46.72 -26.08
C ALA A 616 6.44 -47.07 -25.36
N ARG A 617 7.53 -47.16 -26.12
CA ARG A 617 8.82 -47.49 -25.54
C ARG A 617 9.26 -46.44 -24.54
N ILE A 618 9.05 -45.17 -24.86
CA ILE A 618 9.41 -44.08 -23.97
C ILE A 618 8.55 -44.15 -22.71
N MET A 619 7.24 -44.31 -22.88
CA MET A 619 6.36 -44.33 -21.72
C MET A 619 6.69 -45.50 -20.80
N ALA A 620 7.06 -46.64 -21.41
CA ALA A 620 7.42 -47.83 -20.64
C ALA A 620 8.82 -47.73 -20.07
N ASP A 621 9.82 -47.50 -20.91
CA ASP A 621 11.18 -47.45 -20.40
C ASP A 621 11.51 -46.25 -19.55
N ASP A 622 10.92 -45.11 -19.89
CA ASP A 622 11.20 -43.88 -19.17
C ASP A 622 10.18 -43.48 -18.11
N TYR A 623 8.91 -43.78 -18.34
CA TYR A 623 7.89 -43.39 -17.39
C TYR A 623 7.21 -44.51 -16.62
N GLY A 624 7.77 -45.71 -16.69
CA GLY A 624 7.22 -46.84 -15.96
C GLY A 624 5.87 -47.43 -16.35
N TRP A 625 5.39 -47.16 -17.56
CA TRP A 625 4.14 -47.73 -18.00
C TRP A 625 4.35 -49.17 -18.50
N ASP A 626 3.25 -49.91 -18.60
CA ASP A 626 3.33 -51.25 -19.15
C ASP A 626 3.34 -50.95 -20.65
N VAL A 627 4.31 -51.48 -21.39
CA VAL A 627 4.40 -51.20 -22.81
C VAL A 627 3.15 -51.55 -23.64
N THR A 628 2.41 -52.58 -23.22
CA THR A 628 1.21 -52.98 -23.95
C THR A 628 0.14 -51.92 -23.77
N ASP A 629 -0.02 -51.45 -22.54
CA ASP A 629 -0.97 -50.42 -22.22
C ASP A 629 -0.64 -49.19 -23.07
N ALA A 630 0.64 -48.80 -23.07
CA ALA A 630 1.09 -47.63 -23.82
C ALA A 630 0.84 -47.75 -25.33
N ARG A 631 1.10 -48.93 -25.88
CA ARG A 631 0.90 -49.18 -27.31
C ARG A 631 -0.59 -49.14 -27.63
N LYS A 632 -1.42 -49.41 -26.64
CA LYS A 632 -2.86 -49.42 -26.83
C LYS A 632 -3.62 -48.16 -26.40
N ILE A 633 -2.96 -47.00 -26.40
CA ILE A 633 -3.70 -45.81 -26.04
C ILE A 633 -4.59 -45.52 -27.25
N TRP A 634 -5.88 -45.33 -27.00
CA TRP A 634 -6.80 -45.06 -28.08
C TRP A 634 -6.84 -43.59 -28.46
N CYS A 635 -6.62 -42.72 -27.49
CA CYS A 635 -6.62 -41.28 -27.76
C CYS A 635 -6.21 -40.44 -26.56
N PHE A 636 -5.89 -39.17 -26.85
CA PHE A 636 -5.59 -38.19 -25.80
C PHE A 636 -6.84 -37.33 -25.82
N GLY A 637 -7.12 -36.67 -24.71
CA GLY A 637 -8.27 -35.78 -24.62
C GLY A 637 -8.01 -34.71 -23.58
N PRO A 638 -8.65 -33.53 -23.68
CA PRO A 638 -9.63 -33.08 -24.69
C PRO A 638 -8.93 -32.64 -25.99
N ASP A 639 -9.71 -32.25 -26.99
CA ASP A 639 -9.17 -31.79 -28.27
C ASP A 639 -8.16 -32.72 -28.94
N GLY A 640 -8.25 -34.01 -28.62
CA GLY A 640 -7.33 -34.96 -29.21
C GLY A 640 -5.87 -34.89 -28.75
N ASN A 641 -5.52 -33.97 -27.85
CA ASN A 641 -4.13 -33.88 -27.42
C ASN A 641 -3.91 -33.55 -25.94
N GLY A 642 -4.98 -33.54 -25.15
CA GLY A 642 -4.84 -33.21 -23.74
C GLY A 642 -4.18 -34.26 -22.87
N PRO A 643 -3.79 -33.93 -21.63
CA PRO A 643 -3.13 -34.85 -20.69
C PRO A 643 -4.10 -35.82 -19.98
N ASN A 644 -4.89 -36.53 -20.79
CA ASN A 644 -5.85 -37.54 -20.32
C ASN A 644 -5.82 -38.61 -21.41
N LEU A 645 -5.93 -39.87 -21.02
CA LEU A 645 -5.84 -40.95 -22.00
C LEU A 645 -6.81 -42.11 -21.80
N VAL A 646 -7.13 -42.76 -22.92
CA VAL A 646 -7.98 -43.94 -22.93
C VAL A 646 -7.08 -45.07 -23.39
N ILE A 647 -6.98 -46.12 -22.58
CA ILE A 647 -6.17 -47.29 -22.88
C ILE A 647 -7.08 -48.51 -23.00
N ASP A 648 -7.00 -49.20 -24.13
CA ASP A 648 -7.79 -50.40 -24.33
C ASP A 648 -7.17 -51.59 -23.61
N GLN A 649 -7.92 -52.18 -22.68
CA GLN A 649 -7.46 -53.36 -21.97
C GLN A 649 -8.45 -54.52 -22.16
N THR A 650 -9.31 -54.42 -23.18
CA THR A 650 -10.29 -55.47 -23.45
C THR A 650 -9.61 -56.69 -24.08
N LYS A 651 -10.30 -57.82 -24.08
CA LYS A 651 -9.72 -59.04 -24.62
C LYS A 651 -10.41 -59.72 -25.80
N ALA A 652 -11.69 -60.02 -25.68
CA ALA A 652 -12.37 -60.71 -26.77
C ALA A 652 -13.61 -60.01 -27.27
N VAL A 653 -13.51 -58.73 -27.60
CA VAL A 653 -14.66 -57.98 -28.10
C VAL A 653 -14.67 -58.06 -29.63
N GLN A 654 -15.67 -58.77 -30.15
CA GLN A 654 -15.81 -58.99 -31.59
C GLN A 654 -15.84 -57.73 -32.44
N TYR A 655 -16.72 -56.80 -32.11
CA TYR A 655 -16.85 -55.59 -32.90
C TYR A 655 -16.17 -54.39 -32.25
N LEU A 656 -15.09 -54.64 -31.52
CA LEU A 656 -14.36 -53.58 -30.85
C LEU A 656 -14.01 -52.45 -31.82
N HIS A 657 -13.34 -52.82 -32.92
CA HIS A 657 -12.92 -51.86 -33.92
C HIS A 657 -14.03 -50.97 -34.44
N GLU A 658 -15.26 -51.48 -34.45
CA GLU A 658 -16.38 -50.70 -34.94
C GLU A 658 -16.94 -49.65 -33.98
N ILE A 659 -16.51 -49.70 -32.72
CA ILE A 659 -16.98 -48.73 -31.73
C ILE A 659 -15.86 -47.78 -31.33
N LYS A 660 -14.65 -48.01 -31.83
CA LYS A 660 -13.52 -47.15 -31.49
C LYS A 660 -13.79 -45.65 -31.66
N ASP A 661 -14.19 -45.22 -32.84
CA ASP A 661 -14.46 -43.80 -33.08
C ASP A 661 -15.47 -43.27 -32.06
N SER A 662 -16.49 -44.06 -31.76
CA SER A 662 -17.50 -43.64 -30.79
C SER A 662 -16.88 -43.47 -29.40
N VAL A 663 -16.08 -44.46 -28.98
CA VAL A 663 -15.41 -44.38 -27.68
C VAL A 663 -14.50 -43.15 -27.60
N VAL A 664 -13.72 -42.90 -28.66
CA VAL A 664 -12.82 -41.74 -28.71
C VAL A 664 -13.62 -40.45 -28.61
N ALA A 665 -14.66 -40.31 -29.44
CA ALA A 665 -15.51 -39.13 -29.42
C ALA A 665 -16.07 -38.87 -28.03
N ALA A 666 -16.56 -39.91 -27.38
CA ALA A 666 -17.13 -39.73 -26.04
C ALA A 666 -16.05 -39.24 -25.07
N PHE A 667 -14.85 -39.76 -25.21
CA PHE A 667 -13.79 -39.32 -24.32
C PHE A 667 -13.45 -37.85 -24.55
N GLN A 668 -13.48 -37.41 -25.81
CA GLN A 668 -13.18 -36.02 -26.13
C GLN A 668 -14.21 -35.13 -25.43
N TRP A 669 -15.43 -35.64 -25.38
CA TRP A 669 -16.56 -34.98 -24.75
C TRP A 669 -16.39 -34.94 -23.22
N ALA A 670 -16.19 -36.11 -22.60
CA ALA A 670 -16.04 -36.18 -21.15
C ALA A 670 -14.84 -35.42 -20.59
N THR A 671 -13.70 -35.46 -21.29
CA THR A 671 -12.52 -34.75 -20.81
C THR A 671 -12.64 -33.26 -21.01
N LYS A 672 -13.48 -32.84 -21.94
CA LYS A 672 -13.68 -31.42 -22.15
C LYS A 672 -14.61 -30.91 -21.06
N GLU A 673 -15.58 -31.73 -20.67
CA GLU A 673 -16.53 -31.35 -19.64
C GLU A 673 -16.60 -32.35 -18.47
N GLY A 674 -15.80 -32.10 -17.43
CA GLY A 674 -15.77 -32.96 -16.27
C GLY A 674 -17.08 -33.03 -15.53
N PRO A 675 -17.35 -34.10 -14.76
CA PRO A 675 -18.61 -34.23 -14.02
C PRO A 675 -18.70 -33.47 -12.71
N ILE A 676 -17.60 -32.90 -12.24
CA ILE A 676 -17.66 -32.16 -10.98
C ILE A 676 -18.41 -30.85 -11.20
N PHE A 677 -17.96 -30.05 -12.17
CA PHE A 677 -18.67 -28.82 -12.50
C PHE A 677 -18.38 -28.35 -13.91
N GLY A 678 -18.13 -29.32 -14.81
CA GLY A 678 -17.88 -29.00 -16.20
C GLY A 678 -16.52 -28.48 -16.63
N GLU A 679 -15.53 -28.51 -15.75
CA GLU A 679 -14.20 -28.03 -16.14
C GLU A 679 -13.48 -29.17 -16.85
N GLU A 680 -12.40 -28.83 -17.56
CA GLU A 680 -11.67 -29.86 -18.28
C GLU A 680 -10.98 -30.81 -17.32
N MET A 681 -10.86 -32.06 -17.73
CA MET A 681 -10.15 -33.03 -16.91
C MET A 681 -8.66 -32.86 -17.18
N ARG A 682 -7.84 -33.31 -16.24
CA ARG A 682 -6.38 -33.29 -16.41
C ARG A 682 -5.83 -34.49 -15.65
N SER A 683 -4.89 -35.18 -16.26
CA SER A 683 -4.22 -36.32 -15.63
C SER A 683 -5.13 -37.50 -15.31
N VAL A 684 -6.14 -37.70 -16.15
CA VAL A 684 -7.07 -38.81 -15.97
C VAL A 684 -6.81 -39.91 -16.99
N ARG A 685 -6.56 -41.12 -16.50
CA ARG A 685 -6.35 -42.26 -17.36
C ARG A 685 -7.55 -43.17 -17.21
N VAL A 686 -8.10 -43.58 -18.35
CA VAL A 686 -9.24 -44.47 -18.33
C VAL A 686 -8.86 -45.78 -19.01
N ASN A 687 -9.13 -46.88 -18.31
CA ASN A 687 -8.84 -48.22 -18.82
C ASN A 687 -10.13 -48.96 -19.16
N ILE A 688 -10.35 -49.25 -20.44
CA ILE A 688 -11.54 -49.99 -20.86
C ILE A 688 -11.29 -51.46 -20.55
N LEU A 689 -11.98 -51.96 -19.53
CA LEU A 689 -11.82 -53.34 -19.09
C LEU A 689 -12.60 -54.35 -19.92
N ASP A 690 -13.81 -53.99 -20.33
CA ASP A 690 -14.63 -54.90 -21.13
C ASP A 690 -15.79 -54.17 -21.75
N VAL A 691 -16.26 -54.69 -22.88
CA VAL A 691 -17.38 -54.09 -23.58
C VAL A 691 -18.29 -55.20 -24.12
N THR A 692 -19.59 -55.09 -23.88
CA THR A 692 -20.54 -56.06 -24.42
C THR A 692 -21.43 -55.30 -25.40
N LEU A 693 -21.50 -55.80 -26.64
CA LEU A 693 -22.27 -55.14 -27.68
C LEU A 693 -23.34 -56.03 -28.30
N HIS A 694 -24.38 -55.40 -28.83
CA HIS A 694 -25.44 -56.14 -29.49
C HIS A 694 -24.86 -56.60 -30.82
N ALA A 695 -25.27 -57.76 -31.29
CA ALA A 695 -24.75 -58.32 -32.53
C ALA A 695 -24.94 -57.44 -33.77
N ASP A 696 -26.07 -56.73 -33.82
CA ASP A 696 -26.36 -55.89 -34.99
C ASP A 696 -25.95 -54.43 -34.84
N ALA A 697 -25.12 -53.98 -35.79
CA ALA A 697 -24.63 -52.61 -35.79
C ALA A 697 -25.75 -51.59 -35.64
N ILE A 698 -26.95 -51.96 -36.09
CA ILE A 698 -28.10 -51.08 -36.02
C ILE A 698 -28.38 -50.61 -34.60
N HIS A 699 -27.99 -51.42 -33.62
CA HIS A 699 -28.20 -51.09 -32.22
C HIS A 699 -26.90 -50.71 -31.51
N ARG A 700 -25.83 -50.54 -32.29
CA ARG A 700 -24.51 -50.18 -31.77
C ARG A 700 -23.94 -48.93 -32.42
N GLY A 701 -24.81 -48.03 -32.87
CA GLY A 701 -24.33 -46.81 -33.50
C GLY A 701 -23.73 -45.83 -32.51
N GLY A 702 -23.15 -44.77 -33.04
CA GLY A 702 -22.54 -43.77 -32.18
C GLY A 702 -23.55 -43.22 -31.20
N GLY A 703 -24.76 -42.99 -31.70
CA GLY A 703 -25.81 -42.46 -30.85
C GLY A 703 -26.06 -43.32 -29.62
N GLN A 704 -25.57 -44.56 -29.65
CA GLN A 704 -25.75 -45.47 -28.52
C GLN A 704 -24.48 -45.62 -27.69
N ILE A 705 -23.35 -45.78 -28.37
CA ILE A 705 -22.08 -45.97 -27.69
C ILE A 705 -21.44 -44.69 -27.14
N ILE A 706 -21.56 -43.59 -27.86
CA ILE A 706 -20.99 -42.34 -27.38
C ILE A 706 -21.57 -42.03 -26.00
N PRO A 707 -22.91 -42.06 -25.86
CA PRO A 707 -23.49 -41.77 -24.54
C PRO A 707 -23.03 -42.75 -23.47
N THR A 708 -22.84 -44.00 -23.87
CA THR A 708 -22.41 -45.07 -22.97
C THR A 708 -21.01 -44.84 -22.40
N MET A 709 -20.07 -44.52 -23.28
CA MET A 709 -18.69 -44.28 -22.86
C MET A 709 -18.59 -43.03 -21.98
N ARG A 710 -19.33 -41.98 -22.35
CA ARG A 710 -19.31 -40.74 -21.59
C ARG A 710 -19.86 -40.99 -20.19
N ARG A 711 -20.95 -41.77 -20.12
CA ARG A 711 -21.57 -42.08 -18.84
C ARG A 711 -20.64 -42.95 -17.99
N ALA A 712 -20.02 -43.94 -18.60
CA ALA A 712 -19.11 -44.82 -17.86
C ALA A 712 -17.86 -44.07 -17.39
N THR A 713 -17.37 -43.16 -18.22
CA THR A 713 -16.18 -42.39 -17.87
C THR A 713 -16.48 -41.52 -16.65
N TYR A 714 -17.61 -40.82 -16.66
CA TYR A 714 -17.96 -40.00 -15.51
C TYR A 714 -18.08 -40.87 -14.25
N ALA A 715 -18.66 -42.06 -14.39
CA ALA A 715 -18.79 -42.98 -13.26
C ALA A 715 -17.43 -43.40 -12.72
N GLY A 716 -16.54 -43.81 -13.63
CA GLY A 716 -15.20 -44.22 -13.26
C GLY A 716 -14.48 -43.11 -12.54
N PHE A 717 -14.60 -41.91 -13.10
CA PHE A 717 -13.99 -40.72 -12.54
C PHE A 717 -14.47 -40.47 -11.11
N LEU A 718 -15.79 -40.42 -10.95
CA LEU A 718 -16.37 -40.15 -9.65
C LEU A 718 -16.02 -41.23 -8.61
N LEU A 719 -15.75 -42.44 -9.11
CA LEU A 719 -15.38 -43.56 -8.25
C LEU A 719 -13.88 -43.54 -7.90
N ALA A 720 -13.12 -42.70 -8.58
CA ALA A 720 -11.69 -42.62 -8.40
C ALA A 720 -11.20 -41.51 -7.46
N ASP A 721 -11.96 -41.22 -6.42
CA ASP A 721 -11.60 -40.18 -5.46
C ASP A 721 -11.31 -38.87 -6.21
N PRO A 722 -12.38 -38.25 -6.73
CA PRO A 722 -12.35 -36.99 -7.50
C PRO A 722 -11.72 -35.83 -6.74
N LYS A 723 -10.98 -35.00 -7.47
CA LYS A 723 -10.31 -33.84 -6.93
C LYS A 723 -10.28 -32.76 -8.01
N ILE A 724 -10.09 -31.49 -7.62
CA ILE A 724 -9.95 -30.43 -8.62
C ILE A 724 -8.54 -29.87 -8.44
N GLN A 725 -7.96 -29.39 -9.54
CA GLN A 725 -6.63 -28.80 -9.49
C GLN A 725 -6.80 -27.32 -9.72
N GLU A 726 -6.06 -26.50 -8.98
CA GLU A 726 -6.12 -25.05 -9.13
C GLU A 726 -4.86 -24.56 -9.84
N PRO A 727 -4.94 -23.43 -10.57
CA PRO A 727 -3.80 -22.86 -11.29
C PRO A 727 -2.93 -22.11 -10.27
N VAL A 728 -1.62 -22.21 -10.41
CA VAL A 728 -0.69 -21.57 -9.48
C VAL A 728 0.31 -20.70 -10.24
N PHE A 729 0.51 -19.50 -9.72
CA PHE A 729 1.44 -18.52 -10.29
C PHE A 729 2.84 -18.68 -9.73
N LEU A 730 3.83 -18.30 -10.52
CA LEU A 730 5.21 -18.26 -10.04
C LEU A 730 5.35 -16.74 -9.83
N VAL A 731 5.52 -16.31 -8.59
CA VAL A 731 5.65 -14.88 -8.31
C VAL A 731 7.09 -14.48 -8.00
N GLU A 732 7.55 -13.42 -8.65
CA GLU A 732 8.88 -12.91 -8.46
C GLU A 732 8.83 -11.46 -7.96
N ILE A 733 9.40 -11.24 -6.79
CA ILE A 733 9.38 -9.92 -6.16
C ILE A 733 10.76 -9.34 -5.88
N GLN A 734 11.04 -8.17 -6.44
CA GLN A 734 12.31 -7.47 -6.20
C GLN A 734 12.06 -6.48 -5.07
N CYS A 735 13.02 -6.32 -4.16
CA CYS A 735 12.82 -5.40 -3.05
C CYS A 735 14.02 -5.30 -2.11
N PRO A 736 14.04 -4.26 -1.26
CA PRO A 736 15.13 -4.06 -0.30
C PRO A 736 15.06 -5.10 0.82
N GLU A 737 16.21 -5.41 1.41
CA GLU A 737 16.31 -6.41 2.48
C GLU A 737 15.30 -6.28 3.63
N GLN A 738 15.24 -5.11 4.24
CA GLN A 738 14.35 -4.91 5.38
C GLN A 738 12.86 -4.97 5.03
N ALA A 739 12.56 -5.20 3.76
CA ALA A 739 11.18 -5.29 3.31
C ALA A 739 10.78 -6.73 3.01
N VAL A 740 11.79 -7.60 2.86
CA VAL A 740 11.56 -9.00 2.57
C VAL A 740 10.58 -9.65 3.53
N GLY A 741 10.64 -9.23 4.79
CA GLY A 741 9.76 -9.78 5.80
C GLY A 741 8.29 -9.60 5.46
N GLY A 742 7.98 -8.49 4.79
CA GLY A 742 6.60 -8.23 4.41
C GLY A 742 6.12 -9.29 3.42
N ILE A 743 6.99 -9.65 2.49
CA ILE A 743 6.66 -10.65 1.49
C ILE A 743 6.19 -11.95 2.13
N TYR A 744 7.00 -12.47 3.03
CA TYR A 744 6.66 -13.73 3.71
C TYR A 744 5.35 -13.63 4.46
N SER A 745 5.14 -12.52 5.15
CA SER A 745 3.92 -12.32 5.91
C SER A 745 2.67 -12.42 5.02
N VAL A 746 2.68 -11.72 3.89
CA VAL A 746 1.52 -11.77 2.98
C VAL A 746 1.35 -13.15 2.36
N LEU A 747 2.45 -13.75 1.91
CA LEU A 747 2.40 -15.08 1.31
C LEU A 747 1.79 -16.09 2.26
N ASN A 748 2.11 -15.97 3.54
CA ASN A 748 1.58 -16.90 4.54
C ASN A 748 0.09 -16.77 4.73
N LYS A 749 -0.47 -15.63 4.35
CA LYS A 749 -1.90 -15.43 4.48
C LYS A 749 -2.63 -15.86 3.22
N LYS A 750 -1.88 -16.24 2.19
CA LYS A 750 -2.51 -16.64 0.94
C LYS A 750 -2.00 -17.95 0.36
N ARG A 751 -1.67 -18.89 1.24
CA ARG A 751 -1.18 -20.21 0.86
C ARG A 751 0.00 -20.15 -0.08
N GLY A 752 0.83 -19.12 0.10
CA GLY A 752 2.02 -18.96 -0.72
C GLY A 752 3.07 -19.94 -0.26
N GLN A 753 4.06 -20.17 -1.11
CA GLN A 753 5.17 -21.07 -0.81
C GLN A 753 6.44 -20.49 -1.40
N VAL A 754 7.31 -19.99 -0.54
CA VAL A 754 8.56 -19.40 -0.97
C VAL A 754 9.37 -20.44 -1.73
N VAL A 755 9.95 -20.01 -2.85
CA VAL A 755 10.74 -20.90 -3.68
C VAL A 755 12.24 -20.61 -3.54
N SER A 756 12.60 -19.33 -3.64
CA SER A 756 13.99 -18.93 -3.53
C SER A 756 14.20 -17.47 -3.12
N GLU A 757 15.40 -17.18 -2.63
CA GLU A 757 15.78 -15.82 -2.20
C GLU A 757 17.21 -15.54 -2.66
N GLU A 758 17.35 -14.81 -3.75
CA GLU A 758 18.68 -14.48 -4.28
C GLU A 758 18.97 -12.98 -4.30
N GLN A 759 20.23 -12.63 -4.49
CA GLN A 759 20.65 -11.23 -4.54
C GLN A 759 21.36 -10.90 -5.84
N THR A 763 25.65 -5.71 -5.94
CA THR A 763 25.01 -5.47 -4.64
C THR A 763 23.66 -4.76 -4.83
N PRO A 764 22.79 -5.32 -5.67
CA PRO A 764 21.47 -4.71 -5.91
C PRO A 764 20.48 -4.91 -4.75
N LEU A 765 19.29 -5.40 -5.09
CA LEU A 765 18.23 -5.64 -4.11
C LEU A 765 18.06 -7.13 -3.86
N PHE A 766 16.90 -7.50 -3.34
CA PHE A 766 16.57 -8.89 -3.08
C PHE A 766 15.50 -9.34 -4.05
N THR A 767 15.57 -10.60 -4.46
CA THR A 767 14.58 -11.13 -5.38
C THR A 767 14.00 -12.39 -4.77
N VAL A 768 12.72 -12.32 -4.38
CA VAL A 768 12.04 -13.45 -3.79
C VAL A 768 11.09 -14.09 -4.80
N LYS A 769 11.21 -15.40 -4.96
CA LYS A 769 10.34 -16.13 -5.87
C LYS A 769 9.50 -17.07 -5.02
N ALA A 770 8.24 -17.22 -5.41
CA ALA A 770 7.34 -18.08 -4.66
C ALA A 770 6.13 -18.51 -5.49
N TYR A 771 5.43 -19.52 -5.00
CA TYR A 771 4.25 -20.01 -5.69
C TYR A 771 3.08 -19.37 -5.01
N LEU A 772 2.14 -18.89 -5.81
CA LEU A 772 0.94 -18.23 -5.29
C LEU A 772 -0.28 -18.69 -6.07
N PRO A 773 -1.24 -19.33 -5.40
CA PRO A 773 -2.44 -19.79 -6.09
C PRO A 773 -3.10 -18.61 -6.81
N VAL A 774 -3.53 -18.83 -8.04
CA VAL A 774 -4.17 -17.76 -8.78
C VAL A 774 -5.40 -17.23 -8.06
N ASN A 775 -6.19 -18.08 -7.40
CA ASN A 775 -7.40 -17.61 -6.70
C ASN A 775 -7.09 -16.87 -5.40
N GLU A 776 -5.80 -16.69 -5.13
CA GLU A 776 -5.36 -15.98 -3.94
C GLU A 776 -4.60 -14.71 -4.36
N SER A 777 -4.57 -14.43 -5.65
CA SER A 777 -3.81 -13.28 -6.13
C SER A 777 -4.59 -12.01 -6.41
N PHE A 778 -5.90 -12.03 -6.25
CA PHE A 778 -6.65 -10.83 -6.52
C PHE A 778 -6.49 -9.84 -5.36
N GLY A 779 -5.90 -8.69 -5.66
CA GLY A 779 -5.68 -7.69 -4.65
C GLY A 779 -4.27 -7.84 -4.06
N PHE A 780 -3.60 -8.94 -4.42
CA PHE A 780 -2.26 -9.26 -3.93
C PHE A 780 -1.33 -8.05 -3.96
N THR A 781 -1.31 -7.37 -5.10
CA THR A 781 -0.48 -6.19 -5.27
C THR A 781 -0.71 -5.16 -4.17
N GLY A 782 -1.98 -4.96 -3.81
CA GLY A 782 -2.33 -3.99 -2.79
C GLY A 782 -1.80 -4.39 -1.42
N GLU A 783 -2.07 -5.62 -1.00
CA GLU A 783 -1.60 -6.05 0.32
C GLU A 783 -0.07 -6.13 0.36
N LEU A 784 0.55 -6.38 -0.78
CA LEU A 784 2.00 -6.45 -0.81
C LEU A 784 2.63 -5.09 -0.50
N ARG A 785 2.17 -4.04 -1.17
CA ARG A 785 2.75 -2.72 -0.90
C ARG A 785 2.45 -2.30 0.52
N GLN A 786 1.33 -2.78 1.05
CA GLN A 786 0.91 -2.46 2.40
C GLN A 786 1.88 -3.05 3.42
N ALA A 787 2.27 -4.30 3.20
CA ALA A 787 3.17 -5.00 4.10
C ALA A 787 4.65 -4.65 3.89
N THR A 788 4.97 -4.04 2.76
CA THR A 788 6.37 -3.69 2.50
C THR A 788 6.53 -2.19 2.40
N GLY A 789 5.54 -1.46 2.89
CA GLY A 789 5.61 -0.01 2.84
C GLY A 789 5.80 0.48 1.43
N GLY A 790 5.15 -0.19 0.47
CA GLY A 790 5.26 0.19 -0.93
C GLY A 790 6.64 0.03 -1.52
N GLN A 791 7.45 -0.86 -0.96
CA GLN A 791 8.82 -1.07 -1.45
C GLN A 791 9.04 -2.29 -2.32
N ALA A 792 8.06 -3.18 -2.40
CA ALA A 792 8.17 -4.40 -3.20
C ALA A 792 7.43 -4.34 -4.54
N PHE A 793 8.08 -4.90 -5.56
CA PHE A 793 7.53 -4.94 -6.91
C PHE A 793 7.27 -6.36 -7.38
N PRO A 794 6.00 -6.77 -7.47
CA PRO A 794 5.59 -8.11 -7.89
C PRO A 794 5.46 -8.36 -9.39
N GLN A 795 5.77 -9.59 -9.79
CA GLN A 795 5.71 -10.06 -11.17
C GLN A 795 5.10 -11.46 -11.02
N MET A 796 4.16 -11.84 -11.90
CA MET A 796 3.53 -13.15 -11.80
C MET A 796 3.27 -13.80 -13.16
N VAL A 797 3.56 -15.10 -13.26
CA VAL A 797 3.32 -15.85 -14.50
C VAL A 797 2.78 -17.21 -14.14
N PHE A 798 1.81 -17.70 -14.92
CA PHE A 798 1.21 -19.00 -14.65
C PHE A 798 2.30 -20.05 -14.66
N ASP A 799 2.32 -20.91 -13.65
CA ASP A 799 3.35 -21.93 -13.57
C ASP A 799 2.88 -23.39 -13.64
N HIS A 800 1.92 -23.77 -12.82
CA HIS A 800 1.48 -25.15 -12.80
C HIS A 800 0.14 -25.32 -12.13
N TRP A 801 -0.38 -26.54 -12.25
CA TRP A 801 -1.64 -26.96 -11.63
C TRP A 801 -1.34 -27.68 -10.33
N SER A 802 -2.14 -27.42 -9.31
CA SER A 802 -1.93 -28.05 -8.02
C SER A 802 -3.23 -28.68 -7.54
N THR A 803 -3.16 -29.94 -7.13
CA THR A 803 -4.33 -30.67 -6.66
C THR A 803 -4.75 -30.28 -5.25
N LEU A 804 -6.00 -29.84 -5.09
CA LEU A 804 -6.50 -29.48 -3.75
C LEU A 804 -6.90 -30.79 -3.10
N GLY A 805 -6.50 -31.00 -1.85
CA GLY A 805 -6.82 -32.23 -1.15
C GLY A 805 -8.24 -32.37 -0.67
N SER A 806 -8.91 -31.27 -0.39
CA SER A 806 -10.28 -31.31 0.11
C SER A 806 -11.27 -31.95 -0.88
N ASP A 807 -12.38 -32.45 -0.34
CA ASP A 807 -13.40 -33.10 -1.13
C ASP A 807 -14.19 -32.11 -1.99
N PRO A 808 -14.11 -32.25 -3.32
CA PRO A 808 -14.80 -31.37 -4.28
C PRO A 808 -16.32 -31.46 -4.11
N LEU A 809 -16.79 -32.62 -3.68
CA LEU A 809 -18.23 -32.85 -3.48
C LEU A 809 -18.78 -32.35 -2.14
N ASP A 810 -17.90 -31.94 -1.24
CA ASP A 810 -18.32 -31.40 0.05
C ASP A 810 -18.38 -29.88 -0.06
N PRO A 811 -19.59 -29.32 -0.17
CA PRO A 811 -19.82 -27.87 -0.29
C PRO A 811 -19.12 -26.99 0.74
N THR A 812 -18.74 -27.56 1.88
CA THR A 812 -18.10 -26.78 2.92
C THR A 812 -16.57 -26.82 2.92
N SER A 813 -15.98 -27.73 2.14
CA SER A 813 -14.52 -27.80 2.10
C SER A 813 -14.00 -26.69 1.16
N LYS A 814 -12.69 -26.50 1.15
CA LYS A 814 -12.09 -25.48 0.30
C LYS A 814 -12.42 -25.73 -1.17
N ALA A 815 -12.19 -26.94 -1.65
CA ALA A 815 -12.50 -27.25 -3.04
C ALA A 815 -14.02 -27.23 -3.27
N GLY A 816 -14.78 -27.70 -2.28
CA GLY A 816 -16.22 -27.73 -2.41
C GLY A 816 -16.83 -26.35 -2.52
N GLU A 817 -16.23 -25.39 -1.83
CA GLU A 817 -16.72 -24.01 -1.85
C GLU A 817 -16.59 -23.46 -3.24
N ILE A 818 -15.45 -23.75 -3.85
CA ILE A 818 -15.16 -23.30 -5.19
C ILE A 818 -16.14 -23.95 -6.15
N VAL A 819 -16.30 -25.27 -6.03
CA VAL A 819 -17.24 -25.99 -6.87
C VAL A 819 -18.69 -25.48 -6.73
N LEU A 820 -19.14 -25.25 -5.50
CA LEU A 820 -20.51 -24.78 -5.27
C LEU A 820 -20.76 -23.41 -5.89
N ALA A 821 -19.80 -22.51 -5.73
CA ALA A 821 -19.91 -21.17 -6.27
C ALA A 821 -20.00 -21.18 -7.79
N ALA A 822 -19.19 -22.02 -8.43
CA ALA A 822 -19.19 -22.11 -9.90
C ALA A 822 -20.50 -22.70 -10.39
N ARG A 823 -21.00 -23.71 -9.68
CA ARG A 823 -22.26 -24.32 -10.06
C ARG A 823 -23.39 -23.30 -10.01
N LYS A 824 -23.49 -22.56 -8.93
CA LYS A 824 -24.55 -21.56 -8.84
C LYS A 824 -24.37 -20.52 -9.93
N ARG A 825 -23.13 -20.11 -10.16
CA ARG A 825 -22.84 -19.11 -11.18
C ARG A 825 -23.30 -19.56 -12.56
N HIS A 826 -23.31 -20.87 -12.79
CA HIS A 826 -23.72 -21.42 -14.08
C HIS A 826 -25.17 -21.91 -14.08
N GLY A 827 -25.91 -21.60 -13.03
CA GLY A 827 -27.30 -22.04 -12.96
C GLY A 827 -27.47 -23.54 -12.91
N MET A 828 -26.52 -24.23 -12.29
CA MET A 828 -26.60 -25.68 -12.19
C MET A 828 -27.15 -26.05 -10.84
N LYS A 829 -27.63 -27.28 -10.68
CA LYS A 829 -28.13 -27.73 -9.39
C LYS A 829 -26.89 -27.73 -8.50
N GLU A 830 -27.03 -27.20 -7.29
CA GLU A 830 -25.91 -27.10 -6.36
C GLU A 830 -25.18 -28.41 -6.08
N GLU A 831 -25.92 -29.47 -5.78
CA GLU A 831 -25.33 -30.77 -5.50
C GLU A 831 -24.71 -31.39 -6.74
N VAL A 832 -23.55 -32.01 -6.55
CA VAL A 832 -22.84 -32.65 -7.65
C VAL A 832 -23.37 -34.07 -7.77
N PRO A 833 -23.92 -34.44 -8.94
CA PRO A 833 -24.43 -35.81 -9.08
C PRO A 833 -23.32 -36.81 -8.76
N GLY A 834 -23.60 -37.73 -7.84
CA GLY A 834 -22.64 -38.74 -7.43
C GLY A 834 -22.42 -39.84 -8.46
N TRP A 835 -21.40 -40.67 -8.26
CA TRP A 835 -21.10 -41.74 -9.23
C TRP A 835 -22.28 -42.69 -9.48
N GLN A 836 -23.05 -42.97 -8.44
CA GLN A 836 -24.20 -43.87 -8.59
C GLN A 836 -25.13 -43.39 -9.71
N GLU A 837 -25.20 -42.07 -9.89
CA GLU A 837 -26.03 -41.46 -10.93
C GLU A 837 -25.64 -41.94 -12.34
N TYR A 838 -24.39 -42.36 -12.51
CA TYR A 838 -23.92 -42.80 -13.82
C TYR A 838 -23.69 -44.30 -13.91
N TYR A 839 -23.95 -44.99 -12.80
CA TYR A 839 -23.75 -46.42 -12.72
C TYR A 839 -24.99 -47.22 -13.11
N ASP A 840 -24.84 -48.21 -13.98
CA ASP A 840 -25.97 -49.04 -14.42
C ASP A 840 -25.73 -50.48 -13.98
N LYS A 841 -26.28 -50.82 -12.82
CA LYS A 841 -26.14 -52.14 -12.24
C LYS A 841 -26.63 -53.23 -13.20
N LEU A 842 -26.05 -54.42 -13.09
CA LEU A 842 -26.44 -55.56 -13.93
C LEU A 842 -27.80 -56.12 -13.51
#